data_2XEL
#
_entry.id   2XEL
#
_cell.length_a   89.530
_cell.length_b   147.490
_cell.length_c   153.780
_cell.angle_alpha   90.00
_cell.angle_beta   90.00
_cell.angle_gamma   90.00
#
_symmetry.space_group_name_H-M   'C 2 2 21'
#
loop_
_entity.id
_entity.type
_entity.pdbx_description
1 polymer 'MYOSIN-2 HEAVY CHAIN'
2 non-polymer 'ADP METAVANADATE'
3 non-polymer 'MAGNESIUM ION'
4 non-polymer 2,4-DICHLORO-6-(3,4,5-TRICHLORO-1H-PYRROL-2YL)PHENOL
5 water water
#
_entity_poly.entity_id   1
_entity_poly.type   'polypeptide(L)'
_entity_poly.pdbx_seq_one_letter_code
;NPIHDRTSDYHKYLKVKQGDSDLFKLTVSDKRYIWYNPDPKERDSYECGEIVSETSDSFTFKTVDGQDRQVKKDDANQRN
PIKFDGVEDMSELSYLNEPAVFHNLRVRYNQDLIYTYSGLFLVAVNPFKRIPIYTQEMVDIFKGRRRNEVAPHIFAISDV
AYRSMLDDRQNQSLLITGESGAGKTENTKKVIQYLASVAGRNQANGSGVLEQQILQANPILEAFGNAKTTRNNNSSRFGK
FIEIQFNSAGFISGASIQSYLLEKSRVVFQSETERNYHIFYQLLAGATAEEKKALHLAGPESFNYLNQSGCVDIKGVSDS
EEFKITRQAMDIVGFSQEEQMSIFKIIAGILHLGNIKFEKGAGEGAVLKDKTALNAASTVFGVNPSVLEKALMEPRILAG
RDLVAQHLNVEKSSSSRDALVKALYGRLFLWLVKKINNVLCQERKAYFIGVLDISGFEIFKVNSFEQLCINYTNEKLQQF
FNHHMFKLEQEEYLKEKINWTFIDFGLDSQATIDLIDGRQPPGILALLDEQSVFPNATDNTLITKLHSHFSKKNAKYEEP
RFSKTEFGVTHYAGQVMYEIQDWLEKNKDPLQQDLELCFKDSSDNVVTKLFNDPNIASRAKKGANFITVAAQYKEQLASL
MATLETTNPHFVRCIIPNNKQLPAKLEDKVVLDQLRCNGVLEGIRITRKGFPNRIIYADFVKRYYLLAPNVPRDAEDSQK
ATDAVLKHLNIDPEQYRFGITKIFFRAGQLARIEEAREQRLESNEPPMDFDDDIPF
;
_entity_poly.pdbx_strand_id   A
#
loop_
_chem_comp.id
_chem_comp.type
_chem_comp.name
_chem_comp.formula
AD9 non-polymer 'ADP METAVANADATE' 'C10 H16 N5 O13 P2 V'
IA2 non-polymer 2,4-DICHLORO-6-(3,4,5-TRICHLORO-1H-PYRROL-2YL)PHENOL 'C10 H4 Cl5 N O'
MG non-polymer 'MAGNESIUM ION' 'Mg 2'
#
# COMPACT_ATOMS: atom_id res chain seq x y z
N ASN A 1 35.24 5.55 4.15
CA ASN A 1 33.79 5.87 4.10
C ASN A 1 33.11 4.85 3.18
N PRO A 2 32.18 4.05 3.72
CA PRO A 2 31.46 3.05 2.94
C PRO A 2 30.96 3.61 1.61
N ILE A 3 30.31 4.76 1.69
CA ILE A 3 29.79 5.41 0.50
C ILE A 3 30.84 5.58 -0.59
N HIS A 4 32.02 6.11 -0.23
CA HIS A 4 33.08 6.33 -1.20
C HIS A 4 34.12 5.22 -1.24
N ASP A 5 33.75 4.05 -0.77
CA ASP A 5 34.65 2.90 -0.78
C ASP A 5 34.07 1.86 -1.71
N ARG A 6 34.67 1.72 -2.89
CA ARG A 6 34.18 0.79 -3.90
C ARG A 6 34.25 -0.67 -3.48
N THR A 7 34.64 -0.94 -2.24
CA THR A 7 34.72 -2.31 -1.76
C THR A 7 33.67 -2.63 -0.70
N SER A 8 32.98 -1.60 -0.22
CA SER A 8 31.96 -1.78 0.81
C SER A 8 30.74 -2.54 0.30
N ASP A 9 29.98 -3.13 1.23
CA ASP A 9 28.77 -3.86 0.87
C ASP A 9 27.82 -2.84 0.23
N TYR A 10 27.90 -1.61 0.69
CA TYR A 10 27.05 -0.54 0.16
C TYR A 10 27.32 -0.31 -1.32
N HIS A 11 28.60 -0.27 -1.69
CA HIS A 11 28.99 -0.07 -3.08
C HIS A 11 28.84 -1.35 -3.89
N LYS A 12 28.66 -2.46 -3.18
CA LYS A 12 28.49 -3.76 -3.83
C LYS A 12 27.01 -4.08 -4.07
N TYR A 13 26.18 -3.77 -3.08
CA TYR A 13 24.75 -4.01 -3.19
C TYR A 13 23.79 -2.86 -3.48
N LEU A 14 24.29 -1.64 -3.63
CA LEU A 14 23.43 -0.49 -3.92
C LEU A 14 23.91 0.41 -5.04
N LYS A 15 25.08 0.12 -5.59
CA LYS A 15 25.63 0.93 -6.66
C LYS A 15 25.81 0.12 -7.94
N VAL A 16 25.82 0.82 -9.07
CA VAL A 16 25.99 0.16 -10.35
C VAL A 16 27.44 -0.26 -10.50
N LYS A 17 27.66 -1.50 -10.94
CA LYS A 17 29.00 -2.01 -11.12
C LYS A 17 29.82 -1.21 -12.14
N GLN A 18 31.12 -1.12 -11.89
CA GLN A 18 32.05 -0.41 -12.75
C GLN A 18 32.12 -1.11 -14.11
N GLY A 19 31.82 -0.38 -15.17
CA GLY A 19 31.88 -0.99 -16.50
C GLY A 19 33.33 -1.20 -16.90
N ASP A 20 33.59 -2.17 -17.79
CA ASP A 20 34.96 -2.41 -18.22
C ASP A 20 35.35 -1.60 -19.45
N SER A 21 36.63 -1.68 -19.83
CA SER A 21 37.13 -0.94 -20.97
C SER A 21 36.36 -1.16 -22.27
N ASP A 22 35.72 -2.31 -22.42
CA ASP A 22 34.94 -2.58 -23.62
C ASP A 22 33.65 -1.79 -23.60
N LEU A 23 33.09 -1.63 -22.41
CA LEU A 23 31.86 -0.87 -22.23
C LEU A 23 32.17 0.60 -22.40
N PHE A 24 33.42 0.97 -22.14
CA PHE A 24 33.81 2.36 -22.29
C PHE A 24 33.82 2.74 -23.76
N LYS A 25 34.39 1.87 -24.60
CA LYS A 25 34.46 2.12 -26.03
C LYS A 25 33.06 2.36 -26.58
N LEU A 26 32.09 1.59 -26.07
CA LEU A 26 30.71 1.72 -26.50
C LEU A 26 30.07 2.99 -25.98
N THR A 27 30.49 3.40 -24.79
CA THR A 27 29.95 4.61 -24.18
C THR A 27 30.37 5.88 -24.91
N VAL A 28 31.58 5.88 -25.47
CA VAL A 28 32.10 7.05 -26.17
C VAL A 28 31.79 7.06 -27.67
N SER A 29 30.96 6.13 -28.11
CA SER A 29 30.59 6.01 -29.52
C SER A 29 29.77 7.21 -30.02
N ASP A 30 29.75 7.40 -31.34
CA ASP A 30 29.00 8.51 -31.94
C ASP A 30 27.68 8.02 -32.51
N LYS A 31 27.53 6.70 -32.58
CA LYS A 31 26.31 6.11 -33.11
C LYS A 31 25.11 6.37 -32.22
N ARG A 32 23.94 6.44 -32.82
CA ARG A 32 22.71 6.70 -32.09
C ARG A 32 21.77 5.54 -32.30
N TYR A 33 20.87 5.32 -31.34
CA TYR A 33 19.94 4.21 -31.44
C TYR A 33 18.51 4.59 -31.15
N ILE A 34 17.60 3.69 -31.50
CA ILE A 34 16.18 3.93 -31.30
C ILE A 34 15.54 2.66 -30.78
N TRP A 35 14.49 2.80 -29.99
CA TRP A 35 13.75 1.65 -29.47
C TRP A 35 12.55 1.48 -30.39
N TYR A 36 12.39 0.30 -30.97
CA TYR A 36 11.27 0.03 -31.87
C TYR A 36 10.62 -1.33 -31.59
N ASN A 37 9.43 -1.55 -32.17
CA ASN A 37 8.72 -2.81 -32.00
C ASN A 37 8.95 -3.72 -33.20
N PRO A 38 9.62 -4.87 -32.99
CA PRO A 38 9.86 -5.79 -34.11
C PRO A 38 8.50 -6.21 -34.67
N ASP A 39 7.57 -6.54 -33.77
CA ASP A 39 6.22 -6.92 -34.16
C ASP A 39 5.31 -5.75 -33.76
N PRO A 40 4.87 -4.95 -34.74
CA PRO A 40 4.00 -3.79 -34.52
C PRO A 40 2.81 -4.10 -33.62
N LYS A 41 2.42 -5.38 -33.57
CA LYS A 41 1.30 -5.79 -32.75
C LYS A 41 1.72 -5.78 -31.27
N GLU A 42 2.86 -6.38 -30.98
CA GLU A 42 3.38 -6.44 -29.61
C GLU A 42 4.08 -5.11 -29.29
N ARG A 43 3.28 -4.12 -28.91
CA ARG A 43 3.81 -2.80 -28.60
C ARG A 43 4.70 -2.67 -27.36
N ASP A 44 4.76 -3.71 -26.54
CA ASP A 44 5.60 -3.64 -25.35
C ASP A 44 6.91 -4.40 -25.50
N SER A 45 7.07 -5.10 -26.61
CA SER A 45 8.29 -5.85 -26.86
C SER A 45 9.18 -5.01 -27.74
N TYR A 46 10.26 -4.50 -27.16
CA TYR A 46 11.18 -3.64 -27.89
C TYR A 46 12.51 -4.27 -28.16
N GLU A 47 13.16 -3.76 -29.21
CA GLU A 47 14.47 -4.21 -29.60
C GLU A 47 15.19 -2.90 -29.91
N CYS A 48 16.52 -2.94 -29.88
CA CYS A 48 17.32 -1.75 -30.16
C CYS A 48 17.74 -1.72 -31.62
N GLY A 49 17.70 -0.54 -32.22
CA GLY A 49 18.08 -0.40 -33.60
C GLY A 49 18.96 0.82 -33.81
N GLU A 50 19.91 0.73 -34.72
CA GLU A 50 20.81 1.86 -34.98
C GLU A 50 20.25 2.79 -36.02
N ILE A 51 20.29 4.08 -35.73
CA ILE A 51 19.83 5.09 -36.66
C ILE A 51 20.95 5.26 -37.68
N VAL A 52 20.64 4.99 -38.94
CA VAL A 52 21.64 5.09 -40.00
C VAL A 52 21.56 6.39 -40.79
N SER A 53 20.40 7.04 -40.80
CA SER A 53 20.24 8.28 -41.53
C SER A 53 18.97 8.99 -41.10
N GLU A 54 18.81 10.24 -41.50
CA GLU A 54 17.61 10.99 -41.13
C GLU A 54 17.19 12.03 -42.17
N THR A 55 15.94 12.45 -42.06
CA THR A 55 15.36 13.46 -42.93
C THR A 55 15.01 14.57 -41.96
N SER A 56 14.39 15.64 -42.43
CA SER A 56 14.04 16.71 -41.51
C SER A 56 12.93 16.26 -40.54
N ASP A 57 12.17 15.24 -40.92
CA ASP A 57 11.08 14.76 -40.07
C ASP A 57 11.06 13.26 -39.78
N SER A 58 12.15 12.56 -40.09
CA SER A 58 12.18 11.13 -39.85
C SER A 58 13.56 10.51 -39.66
N PHE A 59 13.56 9.30 -39.12
CA PHE A 59 14.77 8.55 -38.86
C PHE A 59 14.66 7.23 -39.61
N THR A 60 15.80 6.71 -40.02
CA THR A 60 15.84 5.41 -40.67
C THR A 60 16.82 4.62 -39.83
N PHE A 61 16.45 3.39 -39.48
CA PHE A 61 17.31 2.55 -38.68
C PHE A 61 17.48 1.16 -39.32
N LYS A 62 18.01 0.22 -38.55
CA LYS A 62 18.23 -1.13 -39.05
C LYS A 62 17.76 -2.17 -38.03
N THR A 63 16.79 -2.99 -38.43
CA THR A 63 16.26 -4.04 -37.56
C THR A 63 17.31 -5.10 -37.26
N VAL A 64 17.26 -5.66 -36.07
CA VAL A 64 18.20 -6.70 -35.66
C VAL A 64 18.44 -7.69 -36.78
N ASP A 65 17.43 -7.88 -37.63
CA ASP A 65 17.53 -8.82 -38.75
C ASP A 65 18.20 -8.16 -39.95
N GLY A 66 18.65 -6.92 -39.77
CA GLY A 66 19.32 -6.19 -40.82
C GLY A 66 18.36 -5.34 -41.64
N GLN A 67 17.07 -5.55 -41.41
CA GLN A 67 16.04 -4.79 -42.12
C GLN A 67 16.11 -3.31 -41.78
N ASP A 68 15.56 -2.47 -42.67
CA ASP A 68 15.57 -1.04 -42.47
C ASP A 68 14.14 -0.48 -42.42
N ARG A 69 13.88 0.37 -41.43
CA ARG A 69 12.56 0.97 -41.26
C ARG A 69 12.66 2.48 -41.06
N GLN A 70 11.62 3.20 -41.45
CA GLN A 70 11.59 4.64 -41.31
C GLN A 70 10.42 5.04 -40.41
N VAL A 71 10.66 6.00 -39.52
CA VAL A 71 9.63 6.50 -38.61
C VAL A 71 9.76 8.01 -38.48
N LYS A 72 8.66 8.67 -38.14
CA LYS A 72 8.67 10.12 -37.98
C LYS A 72 9.37 10.48 -36.68
N LYS A 73 10.16 11.55 -36.70
CA LYS A 73 10.88 11.95 -35.50
C LYS A 73 9.96 12.18 -34.31
N ASP A 74 8.67 12.39 -34.59
CA ASP A 74 7.69 12.63 -33.54
C ASP A 74 7.19 11.32 -32.93
N ASP A 75 7.22 10.24 -33.70
CA ASP A 75 6.77 8.94 -33.21
C ASP A 75 7.96 8.07 -32.81
N ALA A 76 9.13 8.70 -32.68
CA ALA A 76 10.34 7.96 -32.34
C ALA A 76 10.68 7.92 -30.86
N ASN A 77 10.89 6.71 -30.34
CA ASN A 77 11.30 6.51 -28.94
C ASN A 77 12.80 6.31 -28.97
N GLN A 78 13.55 7.42 -29.02
CA GLN A 78 15.00 7.34 -29.07
C GLN A 78 15.60 6.70 -27.82
N ARG A 79 16.75 6.06 -28.00
CA ARG A 79 17.43 5.43 -26.88
C ARG A 79 18.45 6.38 -26.29
N ASN A 80 18.42 6.55 -24.97
CA ASN A 80 19.36 7.43 -24.30
C ASN A 80 20.80 6.96 -24.45
N PRO A 81 21.76 7.88 -24.48
CA PRO A 81 23.17 7.50 -24.59
C PRO A 81 23.41 6.54 -23.42
N ILE A 82 24.13 5.45 -23.65
CA ILE A 82 24.32 4.47 -22.59
C ILE A 82 24.99 4.92 -21.30
N LYS A 83 25.54 6.12 -21.26
CA LYS A 83 26.16 6.58 -20.01
C LYS A 83 25.03 6.71 -18.98
N PHE A 84 23.79 6.78 -19.49
CA PHE A 84 22.61 6.90 -18.63
C PHE A 84 22.11 5.56 -18.08
N ASP A 85 22.49 4.47 -18.74
CA ASP A 85 22.03 3.17 -18.30
C ASP A 85 22.37 2.86 -16.86
N GLY A 86 21.36 2.89 -16.00
CA GLY A 86 21.56 2.60 -14.60
C GLY A 86 21.43 3.84 -13.76
N VAL A 87 21.27 4.99 -14.42
CA VAL A 87 21.14 6.25 -13.72
C VAL A 87 20.17 6.06 -12.56
N GLU A 88 20.53 6.59 -11.39
CA GLU A 88 19.72 6.43 -10.19
C GLU A 88 18.44 7.27 -10.13
N ASP A 89 18.36 8.33 -10.92
CA ASP A 89 17.17 9.18 -10.94
C ASP A 89 16.86 9.40 -12.42
N MET A 90 15.73 8.87 -12.85
CA MET A 90 15.35 8.95 -14.26
C MET A 90 14.89 10.30 -14.79
N SER A 91 14.72 11.27 -13.91
CA SER A 91 14.31 12.59 -14.36
C SER A 91 15.48 13.20 -15.09
N GLU A 92 16.65 12.56 -14.96
CA GLU A 92 17.85 13.05 -15.62
C GLU A 92 18.05 12.51 -17.04
N LEU A 93 17.19 11.59 -17.46
CA LEU A 93 17.29 11.01 -18.80
C LEU A 93 17.03 12.08 -19.87
N SER A 94 17.77 12.00 -20.97
CA SER A 94 17.61 12.96 -22.06
C SER A 94 16.30 12.67 -22.80
N TYR A 95 16.08 11.39 -23.09
CA TYR A 95 14.86 10.96 -23.77
C TYR A 95 14.00 10.28 -22.71
N LEU A 96 12.78 10.78 -22.55
CA LEU A 96 11.85 10.23 -21.58
C LEU A 96 10.68 9.56 -22.28
N ASN A 97 10.79 8.26 -22.51
CA ASN A 97 9.73 7.50 -23.15
C ASN A 97 9.64 6.12 -22.53
N GLU A 98 8.58 5.39 -22.84
CA GLU A 98 8.38 4.07 -22.25
C GLU A 98 9.52 3.08 -22.36
N PRO A 99 10.01 2.83 -23.58
CA PRO A 99 11.12 1.88 -23.71
C PRO A 99 12.35 2.32 -22.92
N ALA A 100 12.61 3.63 -22.93
CA ALA A 100 13.77 4.16 -22.22
C ALA A 100 13.69 3.96 -20.72
N VAL A 101 12.52 4.28 -20.14
CA VAL A 101 12.34 4.12 -18.70
C VAL A 101 12.40 2.66 -18.31
N PHE A 102 11.68 1.81 -19.04
CA PHE A 102 11.69 0.39 -18.71
C PHE A 102 13.11 -0.14 -18.78
N HIS A 103 13.86 0.26 -19.80
CA HIS A 103 15.23 -0.17 -19.97
C HIS A 103 16.12 0.13 -18.76
N ASN A 104 16.09 1.36 -18.29
CA ASN A 104 16.88 1.78 -17.14
C ASN A 104 16.57 0.96 -15.90
N LEU A 105 15.29 0.64 -15.70
CA LEU A 105 14.85 -0.16 -14.55
C LEU A 105 15.38 -1.57 -14.72
N ARG A 106 15.37 -2.04 -15.97
CA ARG A 106 15.85 -3.37 -16.32
C ARG A 106 17.33 -3.48 -16.03
N VAL A 107 18.10 -2.51 -16.51
CA VAL A 107 19.54 -2.51 -16.28
C VAL A 107 19.81 -2.58 -14.80
N ARG A 108 19.13 -1.76 -14.02
CA ARG A 108 19.35 -1.77 -12.58
C ARG A 108 18.86 -3.07 -11.94
N TYR A 109 17.73 -3.58 -12.43
CA TYR A 109 17.14 -4.81 -11.90
C TYR A 109 18.07 -6.00 -12.12
N ASN A 110 18.62 -6.11 -13.33
CA ASN A 110 19.52 -7.19 -13.65
C ASN A 110 20.71 -7.27 -12.68
N GLN A 111 21.00 -6.18 -11.97
CA GLN A 111 22.10 -6.15 -10.99
C GLN A 111 21.58 -6.13 -9.57
N ASP A 112 20.32 -6.47 -9.38
CA ASP A 112 19.71 -6.50 -8.06
C ASP A 112 19.54 -5.12 -7.44
N LEU A 113 19.46 -4.11 -8.28
CA LEU A 113 19.22 -2.74 -7.81
C LEU A 113 17.70 -2.55 -8.02
N ILE A 114 16.93 -2.76 -6.96
CA ILE A 114 15.48 -2.66 -7.04
C ILE A 114 14.93 -1.27 -6.80
N TYR A 115 15.76 -0.36 -6.35
CA TYR A 115 15.27 1.00 -6.12
C TYR A 115 15.79 1.97 -7.16
N THR A 116 14.91 2.86 -7.60
CA THR A 116 15.24 3.88 -8.58
C THR A 116 14.33 5.07 -8.36
N TYR A 117 14.87 6.28 -8.43
CA TYR A 117 14.03 7.46 -8.27
C TYR A 117 13.47 7.87 -9.61
N SER A 118 12.27 8.45 -9.58
CA SER A 118 11.61 8.94 -10.77
C SER A 118 11.16 10.34 -10.42
N GLY A 119 12.13 11.22 -10.17
CA GLY A 119 11.83 12.57 -9.78
C GLY A 119 11.69 12.62 -8.28
N LEU A 120 10.54 13.09 -7.81
CA LEU A 120 10.27 13.21 -6.38
C LEU A 120 9.98 11.88 -5.67
N PHE A 121 9.40 10.92 -6.38
CA PHE A 121 9.06 9.63 -5.77
C PHE A 121 10.02 8.51 -6.12
N LEU A 122 9.89 7.41 -5.37
CA LEU A 122 10.71 6.22 -5.52
C LEU A 122 9.97 5.05 -6.17
N VAL A 123 10.66 4.30 -7.01
CA VAL A 123 10.08 3.13 -7.68
C VAL A 123 10.79 1.91 -7.11
N ALA A 124 10.02 0.87 -6.78
CA ALA A 124 10.58 -0.36 -6.22
C ALA A 124 10.10 -1.59 -6.96
N VAL A 125 11.00 -2.29 -7.62
CA VAL A 125 10.63 -3.48 -8.35
C VAL A 125 10.91 -4.72 -7.49
N ASN A 126 9.86 -5.47 -7.19
CA ASN A 126 9.99 -6.65 -6.36
C ASN A 126 11.05 -7.61 -6.89
N PRO A 127 12.09 -7.89 -6.10
CA PRO A 127 13.15 -8.80 -6.52
C PRO A 127 12.81 -10.28 -6.39
N PHE A 128 11.88 -10.59 -5.49
CA PHE A 128 11.48 -11.97 -5.25
C PHE A 128 12.65 -12.84 -4.80
N LYS A 129 13.52 -12.26 -4.00
CA LYS A 129 14.67 -12.96 -3.45
C LYS A 129 15.29 -12.04 -2.43
N ARG A 130 16.17 -12.55 -1.59
CA ARG A 130 16.79 -11.72 -0.57
C ARG A 130 18.00 -10.97 -1.11
N ILE A 131 18.16 -9.72 -0.67
CA ILE A 131 19.29 -8.89 -1.04
C ILE A 131 19.74 -8.24 0.26
N PRO A 132 21.01 -8.44 0.61
CA PRO A 132 21.56 -7.90 1.86
C PRO A 132 21.67 -6.38 1.79
N ILE A 133 20.55 -5.69 1.95
CA ILE A 133 20.56 -4.23 1.87
C ILE A 133 19.74 -3.64 3.00
N TYR A 134 19.36 -4.44 3.99
CA TYR A 134 18.56 -3.91 5.09
C TYR A 134 19.16 -4.10 6.49
N THR A 135 20.45 -4.42 6.56
CA THR A 135 21.14 -4.61 7.84
C THR A 135 21.26 -3.29 8.59
N GLN A 136 21.59 -3.37 9.89
CA GLN A 136 21.75 -2.17 10.70
C GLN A 136 22.88 -1.32 10.12
N GLU A 137 23.83 -1.98 9.47
CA GLU A 137 24.95 -1.29 8.84
C GLU A 137 24.42 -0.38 7.74
N MET A 138 23.48 -0.89 6.95
CA MET A 138 22.88 -0.11 5.86
C MET A 138 22.08 1.07 6.40
N VAL A 139 21.39 0.84 7.51
CA VAL A 139 20.58 1.89 8.14
C VAL A 139 21.44 3.06 8.58
N ASP A 140 22.57 2.76 9.22
CA ASP A 140 23.48 3.78 9.70
C ASP A 140 24.18 4.48 8.53
N ILE A 141 23.92 3.99 7.32
CA ILE A 141 24.52 4.57 6.12
C ILE A 141 23.78 5.83 5.69
N PHE A 142 22.47 5.75 5.74
CA PHE A 142 21.50 6.66 5.20
C PHE A 142 20.88 7.55 6.12
N LYS A 143 21.09 7.35 7.33
CA LYS A 143 20.84 8.20 8.49
C LYS A 143 21.64 9.49 8.30
N GLY A 144 20.93 10.62 8.24
CA GLY A 144 21.58 11.92 8.08
C GLY A 144 21.99 12.48 6.72
N ARG A 145 21.81 11.68 5.66
CA ARG A 145 22.29 12.09 4.33
C ARG A 145 21.25 12.72 3.40
N ARG A 146 21.73 13.41 2.38
CA ARG A 146 20.87 14.02 1.35
C ARG A 146 20.48 12.92 0.38
N ARG A 147 19.26 13.00 -0.15
CA ARG A 147 18.78 11.99 -1.09
C ARG A 147 19.73 11.87 -2.28
N ASN A 148 20.25 13.01 -2.74
CA ASN A 148 21.17 13.02 -3.87
C ASN A 148 22.59 12.61 -3.50
N GLU A 149 22.84 12.41 -2.22
CA GLU A 149 24.16 12.00 -1.73
C GLU A 149 24.30 10.50 -1.68
N VAL A 150 23.21 9.81 -1.34
CA VAL A 150 23.22 8.35 -1.26
C VAL A 150 22.41 7.73 -2.39
N ALA A 151 22.54 6.43 -2.54
CA ALA A 151 21.84 5.68 -3.58
C ALA A 151 20.34 5.57 -3.27
N PRO A 152 19.54 5.23 -4.29
CA PRO A 152 18.10 5.08 -4.04
C PRO A 152 17.84 3.93 -3.06
N HIS A 153 16.97 4.14 -2.08
CA HIS A 153 16.66 3.12 -1.08
C HIS A 153 15.40 3.52 -0.32
N ILE A 154 14.69 2.55 0.23
CA ILE A 154 13.49 2.84 0.98
C ILE A 154 13.90 3.62 2.25
N PHE A 155 15.12 3.38 2.72
CA PHE A 155 15.60 4.09 3.90
C PHE A 155 15.76 5.57 3.60
N ALA A 156 16.34 5.88 2.45
CA ALA A 156 16.55 7.27 2.04
C ALA A 156 15.27 8.09 2.08
N ILE A 157 14.24 7.63 1.39
CA ILE A 157 13.00 8.36 1.37
C ILE A 157 12.41 8.42 2.78
N SER A 158 12.75 7.44 3.61
CA SER A 158 12.27 7.40 5.00
C SER A 158 12.94 8.51 5.82
N ASP A 159 14.23 8.69 5.59
CA ASP A 159 15.00 9.71 6.29
C ASP A 159 14.53 11.08 5.86
N VAL A 160 14.30 11.22 4.56
CA VAL A 160 13.84 12.49 4.03
C VAL A 160 12.53 12.90 4.69
N ALA A 161 11.60 11.97 4.79
CA ALA A 161 10.31 12.29 5.40
C ALA A 161 10.57 12.68 6.84
N TYR A 162 11.55 12.01 7.44
CA TYR A 162 11.91 12.26 8.83
C TYR A 162 12.53 13.66 9.01
N ARG A 163 13.44 14.04 8.11
CA ARG A 163 14.05 15.34 8.25
C ARG A 163 13.03 16.43 8.00
N SER A 164 12.12 16.19 7.05
CA SER A 164 11.10 17.18 6.72
C SER A 164 10.14 17.39 7.89
N MET A 165 9.92 16.34 8.66
CA MET A 165 9.05 16.40 9.81
C MET A 165 9.60 17.38 10.85
N LEU A 166 10.92 17.42 10.96
CA LEU A 166 11.57 18.31 11.91
C LEU A 166 11.73 19.72 11.38
N ASP A 167 12.40 19.86 10.25
CA ASP A 167 12.63 21.17 9.65
C ASP A 167 11.37 22.00 9.42
N ASP A 168 10.23 21.35 9.22
CA ASP A 168 8.99 22.08 8.95
C ASP A 168 7.93 21.97 10.05
N ARG A 169 8.14 21.06 11.01
CA ARG A 169 7.18 20.88 12.08
C ARG A 169 5.84 20.36 11.55
N GLN A 170 5.87 19.72 10.38
CA GLN A 170 4.66 19.19 9.75
C GLN A 170 4.65 17.65 9.73
N ASN A 171 3.46 17.07 9.83
CA ASN A 171 3.33 15.61 9.81
C ASN A 171 3.52 15.08 8.39
N GLN A 172 4.18 13.93 8.28
CA GLN A 172 4.47 13.32 6.99
C GLN A 172 3.76 11.98 6.80
N SER A 173 3.79 11.48 5.58
CA SER A 173 3.18 10.19 5.26
C SER A 173 3.92 9.48 4.12
N LEU A 174 4.05 8.17 4.27
CA LEU A 174 4.70 7.33 3.27
C LEU A 174 3.61 6.49 2.63
N LEU A 175 3.22 6.87 1.42
CA LEU A 175 2.19 6.15 0.69
C LEU A 175 2.83 5.17 -0.29
N ILE A 176 2.70 3.89 0.02
CA ILE A 176 3.31 2.85 -0.79
C ILE A 176 2.25 2.13 -1.63
N THR A 177 2.28 2.37 -2.94
CA THR A 177 1.32 1.79 -3.87
C THR A 177 1.81 0.52 -4.56
N GLY A 178 0.88 -0.20 -5.19
CA GLY A 178 1.25 -1.41 -5.90
C GLY A 178 0.16 -2.46 -5.95
N GLU A 179 0.11 -3.20 -7.06
CA GLU A 179 -0.90 -4.23 -7.16
C GLU A 179 -0.49 -5.34 -6.19
N SER A 180 -1.34 -6.33 -6.01
CA SER A 180 -1.02 -7.41 -5.08
C SER A 180 0.29 -8.11 -5.42
N GLY A 181 1.14 -8.27 -4.40
CA GLY A 181 2.42 -8.93 -4.59
C GLY A 181 3.58 -8.01 -4.93
N ALA A 182 3.27 -6.76 -5.29
CA ALA A 182 4.30 -5.80 -5.68
C ALA A 182 5.42 -5.57 -4.64
N GLY A 183 5.10 -5.60 -3.36
CA GLY A 183 6.11 -5.38 -2.33
C GLY A 183 5.79 -4.28 -1.34
N LYS A 184 4.51 -3.90 -1.23
CA LYS A 184 4.09 -2.85 -0.32
C LYS A 184 4.38 -3.13 1.16
N THR A 185 4.00 -4.32 1.60
CA THR A 185 4.18 -4.74 2.98
C THR A 185 5.65 -4.85 3.34
N GLU A 186 6.42 -5.52 2.50
CA GLU A 186 7.84 -5.70 2.76
C GLU A 186 8.50 -4.34 2.94
N ASN A 187 8.20 -3.39 2.06
CA ASN A 187 8.78 -2.06 2.17
C ASN A 187 8.24 -1.32 3.39
N THR A 188 6.99 -1.55 3.74
CA THR A 188 6.40 -0.91 4.91
C THR A 188 7.24 -1.30 6.13
N LYS A 189 7.56 -2.59 6.25
CA LYS A 189 8.38 -3.07 7.36
C LYS A 189 9.73 -2.35 7.44
N LYS A 190 10.29 -2.01 6.29
CA LYS A 190 11.58 -1.34 6.29
C LYS A 190 11.45 0.09 6.76
N VAL A 191 10.35 0.75 6.39
CA VAL A 191 10.15 2.12 6.80
C VAL A 191 10.12 2.17 8.32
N ILE A 192 9.37 1.26 8.93
CA ILE A 192 9.27 1.23 10.38
C ILE A 192 10.62 0.90 11.01
N GLN A 193 11.28 -0.15 10.51
CA GLN A 193 12.59 -0.50 11.05
C GLN A 193 13.52 0.68 11.04
N TYR A 194 13.61 1.36 9.90
CA TYR A 194 14.50 2.52 9.79
C TYR A 194 14.16 3.62 10.79
N LEU A 195 12.87 3.98 10.87
CA LEU A 195 12.41 5.03 11.77
C LEU A 195 12.57 4.66 13.24
N ALA A 196 12.39 3.38 13.55
CA ALA A 196 12.54 2.91 14.93
C ALA A 196 14.01 2.83 15.30
N SER A 197 14.86 3.12 14.33
CA SER A 197 16.29 3.07 14.56
C SER A 197 16.83 4.49 14.70
N VAL A 198 16.79 5.23 13.60
CA VAL A 198 17.28 6.60 13.59
C VAL A 198 16.53 7.53 14.54
N ALA A 199 15.39 7.09 15.06
CA ALA A 199 14.59 7.94 15.96
C ALA A 199 14.26 7.31 17.31
N GLY A 200 14.59 6.03 17.47
CA GLY A 200 14.29 5.36 18.72
C GLY A 200 15.22 5.85 19.81
N ARG A 201 14.90 5.50 21.06
CA ARG A 201 15.76 5.90 22.18
C ARG A 201 16.78 4.79 22.33
N ASN A 202 17.86 5.07 23.06
CA ASN A 202 18.92 4.10 23.28
C ASN A 202 18.27 2.80 23.75
N GLN A 203 18.49 1.73 22.99
CA GLN A 203 17.93 0.41 23.30
C GLN A 203 18.21 0.19 24.79
N ALA A 204 17.14 0.13 25.58
CA ALA A 204 17.25 -0.08 27.02
C ALA A 204 15.88 -0.36 27.60
N ASN A 205 15.81 -0.43 28.94
CA ASN A 205 14.55 -0.69 29.63
C ASN A 205 13.56 0.41 29.27
N GLY A 206 12.61 0.08 28.41
CA GLY A 206 11.63 1.06 27.97
C GLY A 206 12.25 1.94 26.91
N SER A 207 13.50 2.32 27.14
CA SER A 207 14.25 3.17 26.22
C SER A 207 14.47 2.44 24.89
N GLY A 208 14.37 1.11 24.94
CA GLY A 208 14.55 0.30 23.76
C GLY A 208 13.50 -0.80 23.72
N VAL A 209 12.44 -0.62 24.50
CA VAL A 209 11.37 -1.61 24.55
C VAL A 209 10.16 -1.13 23.74
N LEU A 210 9.91 0.17 23.78
CA LEU A 210 8.80 0.73 23.01
C LEU A 210 9.00 0.37 21.55
N GLU A 211 10.09 0.86 20.97
CA GLU A 211 10.40 0.58 19.58
C GLU A 211 10.57 -0.91 19.29
N GLN A 212 10.78 -1.70 20.34
CA GLN A 212 10.93 -3.14 20.17
C GLN A 212 9.54 -3.74 20.01
N GLN A 213 8.57 -3.19 20.72
CA GLN A 213 7.20 -3.67 20.66
C GLN A 213 6.55 -3.22 19.36
N ILE A 214 6.88 -2.02 18.91
CA ILE A 214 6.37 -1.49 17.68
C ILE A 214 6.70 -2.47 16.56
N LEU A 215 7.92 -2.96 16.55
CA LEU A 215 8.36 -3.91 15.54
C LEU A 215 7.66 -5.26 15.67
N GLN A 216 7.33 -5.66 16.89
CA GLN A 216 6.68 -6.95 17.11
C GLN A 216 5.16 -6.90 16.92
N ALA A 217 4.63 -5.71 16.67
CA ALA A 217 3.19 -5.56 16.48
C ALA A 217 2.75 -6.13 15.15
N ASN A 218 3.61 -6.03 14.14
CA ASN A 218 3.29 -6.49 12.80
C ASN A 218 3.30 -8.02 12.59
N PRO A 219 4.28 -8.72 13.18
CA PRO A 219 4.27 -10.18 12.98
C PRO A 219 2.97 -10.80 13.52
N ILE A 220 2.34 -10.14 14.48
CA ILE A 220 1.10 -10.65 15.04
C ILE A 220 0.00 -10.46 14.01
N LEU A 221 -0.16 -9.22 13.57
CA LEU A 221 -1.17 -8.90 12.59
C LEU A 221 -1.07 -9.78 11.36
N GLU A 222 0.16 -10.11 10.95
CA GLU A 222 0.37 -10.94 9.77
C GLU A 222 -0.14 -12.37 9.89
N ALA A 223 0.02 -12.97 11.06
CA ALA A 223 -0.42 -14.34 11.25
C ALA A 223 -1.95 -14.44 11.20
N PHE A 224 -2.64 -13.38 11.60
CA PHE A 224 -4.09 -13.40 11.58
C PHE A 224 -4.68 -12.68 10.38
N GLY A 225 -3.90 -11.78 9.79
CA GLY A 225 -4.42 -11.02 8.67
C GLY A 225 -3.90 -11.34 7.28
N ASN A 226 -2.85 -12.14 7.17
CA ASN A 226 -2.30 -12.47 5.86
C ASN A 226 -2.60 -13.91 5.49
N ALA A 227 -2.66 -14.18 4.21
CA ALA A 227 -2.93 -15.51 3.72
C ALA A 227 -2.35 -15.66 2.34
N LYS A 228 -2.30 -16.90 1.87
CA LYS A 228 -1.79 -17.18 0.55
C LYS A 228 -2.92 -17.04 -0.46
N THR A 229 -2.70 -16.22 -1.48
CA THR A 229 -3.69 -16.08 -2.55
C THR A 229 -2.91 -16.49 -3.77
N THR A 230 -3.60 -16.57 -4.90
CA THR A 230 -2.96 -16.95 -6.15
C THR A 230 -1.93 -15.92 -6.62
N ARG A 231 -1.92 -14.73 -6.01
CA ARG A 231 -0.96 -13.70 -6.45
C ARG A 231 0.15 -13.37 -5.46
N ASN A 232 0.01 -13.83 -4.22
CA ASN A 232 0.99 -13.53 -3.21
C ASN A 232 0.92 -14.55 -2.06
N ASN A 233 2.04 -15.20 -1.76
CA ASN A 233 2.04 -16.19 -0.71
C ASN A 233 1.79 -15.58 0.67
N ASN A 234 2.17 -14.32 0.83
CA ASN A 234 1.95 -13.62 2.08
C ASN A 234 1.05 -12.39 1.81
N SER A 235 -0.12 -12.63 1.25
CA SER A 235 -1.03 -11.54 0.95
C SER A 235 -1.70 -10.95 2.18
N SER A 236 -1.68 -9.62 2.27
CA SER A 236 -2.31 -8.91 3.39
C SER A 236 -3.79 -8.85 3.05
N ARG A 237 -4.64 -9.45 3.87
CA ARG A 237 -6.07 -9.44 3.57
C ARG A 237 -6.83 -8.37 4.36
N PHE A 238 -6.10 -7.34 4.77
CA PHE A 238 -6.62 -6.19 5.51
C PHE A 238 -5.69 -5.00 5.22
N GLY A 239 -6.27 -3.80 5.22
CA GLY A 239 -5.52 -2.58 4.98
C GLY A 239 -4.98 -2.03 6.28
N LYS A 240 -3.88 -1.28 6.21
CA LYS A 240 -3.30 -0.77 7.44
C LYS A 240 -2.66 0.61 7.33
N PHE A 241 -2.99 1.48 8.27
CA PHE A 241 -2.41 2.82 8.33
C PHE A 241 -1.66 2.86 9.65
N ILE A 242 -0.35 2.97 9.58
CA ILE A 242 0.47 2.99 10.78
C ILE A 242 1.04 4.39 11.07
N GLU A 243 0.74 4.90 12.25
CA GLU A 243 1.21 6.21 12.69
C GLU A 243 2.42 6.06 13.60
N ILE A 244 3.56 6.61 13.18
CA ILE A 244 4.76 6.62 14.00
C ILE A 244 4.88 7.97 14.70
N GLN A 245 4.64 7.98 16.00
CA GLN A 245 4.62 9.23 16.77
C GLN A 245 5.99 9.66 17.28
N PHE A 246 6.22 10.97 17.26
CA PHE A 246 7.44 11.56 17.80
C PHE A 246 7.15 12.67 18.80
N ASN A 247 8.04 12.84 19.79
CA ASN A 247 7.85 13.90 20.77
C ASN A 247 8.35 15.20 20.18
N SER A 248 8.17 16.29 20.93
CA SER A 248 8.60 17.60 20.45
C SER A 248 10.07 17.57 20.06
N ALA A 249 10.90 16.90 20.87
CA ALA A 249 12.32 16.79 20.62
C ALA A 249 12.63 16.11 19.27
N GLY A 250 11.92 15.02 18.98
CA GLY A 250 12.12 14.30 17.74
C GLY A 250 12.25 12.80 17.91
N PHE A 251 12.00 12.32 19.12
CA PHE A 251 12.10 10.90 19.41
C PHE A 251 10.77 10.14 19.34
N ILE A 252 10.86 8.84 19.06
CA ILE A 252 9.68 8.01 18.98
C ILE A 252 8.98 7.94 20.33
N SER A 253 7.74 8.40 20.36
CA SER A 253 6.95 8.41 21.57
C SER A 253 5.85 7.37 21.51
N GLY A 254 5.74 6.69 20.38
CA GLY A 254 4.71 5.67 20.24
C GLY A 254 4.17 5.52 18.82
N ALA A 255 3.10 4.73 18.70
CA ALA A 255 2.46 4.48 17.40
C ALA A 255 1.10 3.83 17.60
N SER A 256 0.27 3.92 16.57
CA SER A 256 -1.06 3.33 16.60
C SER A 256 -1.37 2.80 15.22
N ILE A 257 -2.07 1.67 15.17
CA ILE A 257 -2.43 1.03 13.93
C ILE A 257 -3.93 1.10 13.68
N GLN A 258 -4.33 1.52 12.49
CA GLN A 258 -5.74 1.58 12.11
C GLN A 258 -5.90 0.56 10.97
N SER A 259 -6.67 -0.49 11.20
CA SER A 259 -6.87 -1.52 10.18
C SER A 259 -8.13 -1.30 9.38
N TYR A 260 -8.15 -1.81 8.15
CA TYR A 260 -9.30 -1.64 7.27
C TYR A 260 -9.67 -2.88 6.49
N LEU A 261 -10.96 -3.12 6.33
CA LEU A 261 -11.45 -4.22 5.51
C LEU A 261 -10.85 -5.61 5.68
N LEU A 262 -10.93 -6.21 6.85
CA LEU A 262 -10.41 -7.57 7.00
C LEU A 262 -11.29 -8.45 6.11
N GLU A 263 -10.69 -9.32 5.32
CA GLU A 263 -11.46 -10.20 4.44
C GLU A 263 -12.01 -11.36 5.26
N LYS A 264 -13.05 -11.10 6.05
CA LYS A 264 -13.66 -12.12 6.91
C LYS A 264 -14.13 -13.38 6.19
N SER A 265 -14.67 -13.22 4.98
CA SER A 265 -15.17 -14.37 4.23
C SER A 265 -14.12 -15.45 3.94
N ARG A 266 -12.86 -15.11 4.08
CA ARG A 266 -11.78 -16.05 3.80
C ARG A 266 -11.75 -17.19 4.82
N VAL A 267 -12.19 -16.90 6.03
CA VAL A 267 -12.18 -17.90 7.08
C VAL A 267 -13.02 -19.12 6.74
N VAL A 268 -14.08 -18.92 5.98
CA VAL A 268 -14.98 -20.02 5.63
C VAL A 268 -14.90 -20.49 4.19
N PHE A 269 -14.06 -19.84 3.39
CA PHE A 269 -13.93 -20.23 1.99
C PHE A 269 -12.64 -19.74 1.35
N GLN A 270 -12.02 -20.59 0.54
CA GLN A 270 -10.80 -20.24 -0.17
C GLN A 270 -10.77 -20.89 -1.54
N SER A 271 -10.43 -20.10 -2.56
CA SER A 271 -10.39 -20.59 -3.94
C SER A 271 -9.34 -21.70 -4.04
N GLU A 272 -9.46 -22.54 -5.06
CA GLU A 272 -8.51 -23.64 -5.26
C GLU A 272 -7.20 -22.89 -5.27
N THR A 273 -6.20 -23.44 -4.59
CA THR A 273 -4.87 -22.82 -4.53
C THR A 273 -4.58 -21.77 -3.48
N GLU A 274 -5.60 -21.40 -2.71
CA GLU A 274 -5.44 -20.39 -1.67
C GLU A 274 -5.37 -21.10 -0.33
N ARG A 275 -5.13 -20.35 0.73
CA ARG A 275 -5.04 -20.91 2.08
C ARG A 275 -5.89 -19.97 2.90
N ASN A 276 -6.29 -20.45 4.06
CA ASN A 276 -7.06 -19.66 4.99
C ASN A 276 -5.96 -18.81 5.62
N TYR A 277 -6.27 -18.06 6.68
CA TYR A 277 -5.25 -17.25 7.32
C TYR A 277 -4.14 -18.11 7.92
N HIS A 278 -2.90 -17.62 7.86
CA HIS A 278 -1.72 -18.34 8.37
C HIS A 278 -1.92 -18.90 9.78
N ILE A 279 -2.57 -18.12 10.64
CA ILE A 279 -2.75 -18.53 12.00
C ILE A 279 -3.35 -19.91 12.19
N PHE A 280 -4.25 -20.30 11.30
CA PHE A 280 -4.86 -21.61 11.44
C PHE A 280 -3.82 -22.70 11.25
N TYR A 281 -2.96 -22.53 10.25
CA TYR A 281 -1.94 -23.52 9.96
C TYR A 281 -0.80 -23.52 10.98
N GLN A 282 -0.48 -22.36 11.52
CA GLN A 282 0.57 -22.26 12.52
C GLN A 282 0.15 -22.97 13.80
N LEU A 283 -1.14 -22.89 14.12
CA LEU A 283 -1.66 -23.50 15.33
C LEU A 283 -1.58 -25.02 15.25
N LEU A 284 -2.25 -25.58 14.25
CA LEU A 284 -2.30 -27.02 14.05
C LEU A 284 -0.93 -27.69 14.01
N ALA A 285 0.07 -26.98 13.47
CA ALA A 285 1.42 -27.52 13.33
C ALA A 285 2.46 -26.97 14.31
N GLY A 286 2.06 -26.09 15.22
CA GLY A 286 3.02 -25.54 16.16
C GLY A 286 2.67 -25.71 17.62
N ALA A 287 1.47 -26.22 17.90
CA ALA A 287 1.02 -26.42 19.28
C ALA A 287 1.54 -27.71 19.89
N THR A 288 1.60 -27.76 21.21
CA THR A 288 2.05 -28.94 21.92
C THR A 288 0.97 -30.02 21.89
N ALA A 289 1.37 -31.26 22.09
CA ALA A 289 0.43 -32.39 22.06
C ALA A 289 -0.67 -32.21 23.10
N GLU A 290 -0.33 -31.57 24.22
CA GLU A 290 -1.30 -31.32 25.28
C GLU A 290 -2.30 -30.26 24.83
N GLU A 291 -1.79 -29.18 24.25
CA GLU A 291 -2.62 -28.10 23.73
C GLU A 291 -3.46 -28.67 22.61
N LYS A 292 -2.84 -29.54 21.82
CA LYS A 292 -3.51 -30.19 20.70
C LYS A 292 -4.69 -31.01 21.21
N LYS A 293 -4.48 -31.76 22.29
CA LYS A 293 -5.54 -32.59 22.86
C LYS A 293 -6.54 -31.75 23.66
N ALA A 294 -6.07 -30.62 24.19
CA ALA A 294 -6.93 -29.76 24.98
C ALA A 294 -7.93 -29.01 24.07
N LEU A 295 -7.53 -28.77 22.83
CA LEU A 295 -8.38 -28.07 21.87
C LEU A 295 -8.98 -29.02 20.84
N HIS A 296 -8.73 -30.31 20.99
CA HIS A 296 -9.26 -31.33 20.09
C HIS A 296 -8.85 -31.10 18.65
N LEU A 297 -7.63 -30.57 18.46
CA LEU A 297 -7.12 -30.29 17.13
C LEU A 297 -6.47 -31.51 16.48
N ALA A 298 -6.70 -31.67 15.19
CA ALA A 298 -6.12 -32.76 14.42
C ALA A 298 -5.27 -32.11 13.33
N GLY A 299 -5.25 -32.72 12.16
CA GLY A 299 -4.49 -32.15 11.06
C GLY A 299 -5.36 -31.22 10.24
N PRO A 300 -4.77 -30.38 9.40
CA PRO A 300 -5.52 -29.43 8.56
C PRO A 300 -6.54 -30.15 7.68
N GLU A 301 -6.19 -31.36 7.27
CA GLU A 301 -7.05 -32.15 6.40
C GLU A 301 -8.34 -32.61 7.05
N SER A 302 -8.46 -32.43 8.36
CA SER A 302 -9.66 -32.86 9.06
C SER A 302 -10.59 -31.69 9.41
N PHE A 303 -10.52 -30.63 8.61
CA PHE A 303 -11.34 -29.45 8.84
C PHE A 303 -11.84 -28.87 7.51
N ASN A 304 -13.15 -28.68 7.41
CA ASN A 304 -13.72 -28.13 6.20
C ASN A 304 -13.10 -26.81 5.82
N TYR A 305 -12.83 -25.97 6.81
CA TYR A 305 -12.23 -24.66 6.54
C TYR A 305 -10.78 -24.73 6.09
N LEU A 306 -10.22 -25.94 5.97
CA LEU A 306 -8.82 -26.06 5.56
C LEU A 306 -8.52 -27.15 4.54
N ASN A 307 -9.51 -27.94 4.17
CA ASN A 307 -9.26 -29.02 3.22
C ASN A 307 -10.05 -28.89 1.95
N GLN A 308 -10.36 -27.66 1.57
CA GLN A 308 -11.14 -27.43 0.37
C GLN A 308 -10.33 -26.85 -0.79
N SER A 309 -9.25 -26.15 -0.45
CA SER A 309 -8.42 -25.51 -1.47
C SER A 309 -7.44 -26.47 -2.12
N GLY A 310 -7.03 -27.50 -1.37
CA GLY A 310 -6.09 -28.46 -1.89
C GLY A 310 -4.67 -28.03 -1.55
N CYS A 311 -4.56 -26.96 -0.77
CA CYS A 311 -3.26 -26.46 -0.37
C CYS A 311 -3.21 -26.18 1.11
N VAL A 312 -2.26 -26.80 1.82
CA VAL A 312 -2.14 -26.58 3.25
C VAL A 312 -0.77 -26.08 3.64
N ASP A 313 0.13 -25.93 2.68
CA ASP A 313 1.46 -25.43 2.99
C ASP A 313 1.99 -24.55 1.89
N ILE A 314 2.97 -23.72 2.25
CA ILE A 314 3.57 -22.78 1.31
C ILE A 314 5.05 -23.10 1.13
N LYS A 315 5.49 -23.16 -0.12
CA LYS A 315 6.88 -23.47 -0.44
C LYS A 315 7.88 -22.57 0.30
N GLY A 316 8.64 -23.16 1.21
CA GLY A 316 9.65 -22.42 1.95
C GLY A 316 9.22 -21.77 3.25
N VAL A 317 8.03 -22.11 3.71
CA VAL A 317 7.52 -21.54 4.94
C VAL A 317 7.18 -22.66 5.91
N SER A 318 7.75 -22.62 7.10
CA SER A 318 7.44 -23.63 8.10
C SER A 318 6.39 -23.01 9.01
N ASP A 319 5.17 -23.51 8.92
CA ASP A 319 4.10 -22.98 9.75
C ASP A 319 4.37 -23.27 11.22
N SER A 320 5.01 -24.40 11.49
CA SER A 320 5.36 -24.78 12.85
C SER A 320 6.31 -23.73 13.39
N GLU A 321 7.26 -23.33 12.54
CA GLU A 321 8.26 -22.34 12.89
C GLU A 321 7.66 -20.95 13.09
N GLU A 322 6.72 -20.58 12.22
CA GLU A 322 6.08 -19.27 12.30
C GLU A 322 5.21 -19.14 13.57
N PHE A 323 4.65 -20.26 14.01
CA PHE A 323 3.82 -20.26 15.20
C PHE A 323 4.67 -19.76 16.38
N LYS A 324 5.93 -20.20 16.41
CA LYS A 324 6.85 -19.79 17.48
C LYS A 324 7.06 -18.29 17.43
N ILE A 325 7.27 -17.76 16.23
CA ILE A 325 7.51 -16.34 16.05
C ILE A 325 6.29 -15.49 16.45
N THR A 326 5.09 -16.01 16.19
CA THR A 326 3.87 -15.28 16.54
C THR A 326 3.74 -15.23 18.06
N ARG A 327 3.81 -16.40 18.69
CA ARG A 327 3.73 -16.49 20.15
C ARG A 327 4.76 -15.57 20.77
N GLN A 328 6.01 -15.77 20.36
CA GLN A 328 7.11 -14.96 20.87
C GLN A 328 6.85 -13.48 20.70
N ALA A 329 6.10 -13.15 19.64
CA ALA A 329 5.77 -11.75 19.37
C ALA A 329 4.68 -11.29 20.32
N MET A 330 3.73 -12.18 20.60
CA MET A 330 2.64 -11.86 21.51
C MET A 330 3.19 -11.61 22.93
N ASP A 331 4.20 -12.39 23.33
CA ASP A 331 4.82 -12.20 24.64
C ASP A 331 5.40 -10.81 24.73
N ILE A 332 6.28 -10.47 23.79
CA ILE A 332 6.92 -9.15 23.78
C ILE A 332 5.93 -8.00 23.83
N VAL A 333 4.88 -8.04 23.02
CA VAL A 333 3.91 -6.96 23.01
C VAL A 333 3.18 -6.86 24.35
N GLY A 334 2.95 -8.00 24.98
CA GLY A 334 2.29 -7.97 26.28
C GLY A 334 0.99 -8.74 26.47
N PHE A 335 0.83 -9.84 25.76
CA PHE A 335 -0.37 -10.65 25.86
C PHE A 335 -0.22 -11.72 26.94
N SER A 336 -1.10 -11.67 27.93
CA SER A 336 -1.07 -12.63 29.03
C SER A 336 -1.07 -14.07 28.51
N GLN A 337 -0.73 -15.01 29.38
CA GLN A 337 -0.68 -16.42 29.02
C GLN A 337 -2.10 -16.99 28.87
N GLU A 338 -3.05 -16.37 29.54
CA GLU A 338 -4.44 -16.82 29.49
C GLU A 338 -5.06 -16.28 28.20
N GLU A 339 -4.77 -15.01 27.92
CA GLU A 339 -5.26 -14.35 26.72
C GLU A 339 -4.87 -15.19 25.51
N GLN A 340 -3.59 -15.48 25.38
CA GLN A 340 -3.11 -16.27 24.27
C GLN A 340 -3.88 -17.58 24.17
N MET A 341 -4.01 -18.27 25.29
CA MET A 341 -4.74 -19.53 25.31
C MET A 341 -6.17 -19.30 24.84
N SER A 342 -6.74 -18.17 25.24
CA SER A 342 -8.10 -17.85 24.82
C SER A 342 -8.09 -17.63 23.31
N ILE A 343 -7.13 -16.84 22.86
CA ILE A 343 -6.98 -16.54 21.44
C ILE A 343 -6.92 -17.79 20.58
N PHE A 344 -6.33 -18.87 21.09
CA PHE A 344 -6.25 -20.10 20.32
C PHE A 344 -7.46 -20.99 20.49
N LYS A 345 -8.20 -20.76 21.56
CA LYS A 345 -9.43 -21.50 21.82
C LYS A 345 -10.65 -20.90 21.12
N ILE A 346 -10.40 -19.88 20.31
CA ILE A 346 -11.47 -19.25 19.53
C ILE A 346 -11.08 -19.72 18.14
N ILE A 347 -9.79 -19.63 17.83
CA ILE A 347 -9.27 -20.10 16.56
C ILE A 347 -9.58 -21.58 16.38
N ALA A 348 -9.36 -22.35 17.44
CA ALA A 348 -9.67 -23.77 17.44
C ALA A 348 -11.18 -23.97 17.37
N GLY A 349 -11.92 -23.10 18.07
CA GLY A 349 -13.36 -23.13 18.06
C GLY A 349 -13.91 -22.91 16.67
N ILE A 350 -13.34 -21.93 15.97
CA ILE A 350 -13.75 -21.60 14.63
C ILE A 350 -13.61 -22.83 13.73
N LEU A 351 -12.48 -23.53 13.85
CA LEU A 351 -12.26 -24.73 13.04
C LEU A 351 -13.36 -25.76 13.30
N HIS A 352 -13.72 -25.96 14.56
CA HIS A 352 -14.78 -26.91 14.90
C HIS A 352 -16.13 -26.50 14.33
N LEU A 353 -16.51 -25.24 14.54
CA LEU A 353 -17.78 -24.76 13.98
C LEU A 353 -17.85 -25.10 12.49
N GLY A 354 -16.70 -25.10 11.84
CA GLY A 354 -16.65 -25.41 10.43
C GLY A 354 -16.99 -26.86 10.12
N ASN A 355 -16.75 -27.75 11.07
CA ASN A 355 -17.03 -29.17 10.86
C ASN A 355 -18.46 -29.55 11.13
N ILE A 356 -19.23 -28.63 11.73
CA ILE A 356 -20.62 -28.93 12.00
C ILE A 356 -21.30 -29.25 10.70
N LYS A 357 -21.94 -30.41 10.65
CA LYS A 357 -22.65 -30.83 9.44
C LYS A 357 -24.15 -30.78 9.67
N PHE A 358 -24.82 -29.90 8.95
CA PHE A 358 -26.27 -29.77 9.08
C PHE A 358 -26.94 -30.68 8.06
N GLU A 359 -28.11 -31.21 8.40
CA GLU A 359 -28.82 -32.09 7.49
C GLU A 359 -30.33 -31.89 7.48
N LYS A 360 -30.93 -32.20 6.33
CA LYS A 360 -32.36 -32.08 6.12
C LYS A 360 -33.08 -33.03 7.07
N GLY A 361 -34.03 -32.51 7.84
CA GLY A 361 -34.76 -33.34 8.77
C GLY A 361 -35.96 -33.99 8.11
N ALA A 362 -37.03 -34.19 8.86
CA ALA A 362 -38.22 -34.80 8.30
C ALA A 362 -38.93 -33.74 7.46
N GLY A 363 -38.79 -32.49 7.89
CA GLY A 363 -39.39 -31.38 7.18
C GLY A 363 -38.34 -30.65 6.37
N GLU A 364 -38.50 -29.33 6.23
CA GLU A 364 -37.54 -28.53 5.48
C GLU A 364 -36.47 -27.98 6.43
N GLY A 365 -36.82 -27.83 7.70
CA GLY A 365 -35.87 -27.33 8.68
C GLY A 365 -34.69 -28.28 8.87
N ALA A 366 -33.56 -27.76 9.32
CA ALA A 366 -32.38 -28.58 9.51
C ALA A 366 -32.30 -29.29 10.86
N VAL A 367 -31.41 -30.26 10.96
CA VAL A 367 -31.19 -31.02 12.18
C VAL A 367 -29.71 -31.36 12.24
N LEU A 368 -29.18 -31.51 13.46
CA LEU A 368 -27.78 -31.83 13.64
C LEU A 368 -27.67 -33.24 14.26
N LYS A 369 -27.44 -34.24 13.40
CA LYS A 369 -27.34 -35.63 13.83
C LYS A 369 -26.08 -35.94 14.64
N ASP A 370 -24.92 -35.60 14.09
CA ASP A 370 -23.67 -35.84 14.80
C ASP A 370 -23.28 -34.52 15.44
N LYS A 371 -23.19 -34.52 16.76
CA LYS A 371 -22.85 -33.31 17.50
C LYS A 371 -21.42 -33.27 18.02
N THR A 372 -20.54 -34.05 17.41
CA THR A 372 -19.15 -34.09 17.86
C THR A 372 -18.51 -32.70 17.68
N ALA A 373 -18.66 -32.12 16.49
CA ALA A 373 -18.10 -30.80 16.21
C ALA A 373 -18.74 -29.75 17.12
N LEU A 374 -20.07 -29.78 17.19
CA LEU A 374 -20.82 -28.85 18.02
C LEU A 374 -20.33 -28.83 19.47
N ASN A 375 -20.26 -30.01 20.09
CA ASN A 375 -19.81 -30.11 21.48
C ASN A 375 -18.37 -29.65 21.68
N ALA A 376 -17.52 -29.95 20.70
CA ALA A 376 -16.11 -29.57 20.78
C ALA A 376 -15.96 -28.05 20.69
N ALA A 377 -16.82 -27.42 19.88
CA ALA A 377 -16.78 -25.96 19.73
C ALA A 377 -17.22 -25.35 21.03
N SER A 378 -18.40 -25.77 21.48
CA SER A 378 -18.98 -25.28 22.72
C SER A 378 -17.93 -25.41 23.82
N THR A 379 -17.31 -26.59 23.85
CA THR A 379 -16.27 -26.90 24.82
C THR A 379 -15.20 -25.80 24.91
N VAL A 380 -14.43 -25.63 23.83
CA VAL A 380 -13.36 -24.63 23.82
C VAL A 380 -13.85 -23.18 23.93
N PHE A 381 -15.05 -22.90 23.43
CA PHE A 381 -15.58 -21.53 23.53
C PHE A 381 -16.15 -21.25 24.92
N GLY A 382 -16.67 -22.29 25.56
CA GLY A 382 -17.24 -22.11 26.88
C GLY A 382 -18.66 -21.60 26.78
N VAL A 383 -19.48 -22.28 26.00
CA VAL A 383 -20.87 -21.90 25.82
C VAL A 383 -21.73 -23.16 25.84
N ASN A 384 -23.01 -23.02 26.16
CA ASN A 384 -23.92 -24.17 26.23
C ASN A 384 -24.22 -24.77 24.85
N PRO A 385 -23.79 -26.02 24.63
CA PRO A 385 -23.98 -26.77 23.38
C PRO A 385 -25.42 -26.78 22.88
N SER A 386 -26.36 -26.88 23.83
CA SER A 386 -27.78 -26.94 23.50
C SER A 386 -28.30 -25.58 23.05
N VAL A 387 -27.77 -24.52 23.64
CA VAL A 387 -28.17 -23.16 23.29
C VAL A 387 -27.65 -22.78 21.92
N LEU A 388 -26.39 -23.09 21.66
CA LEU A 388 -25.76 -22.79 20.37
C LEU A 388 -26.45 -23.54 19.25
N GLU A 389 -26.85 -24.78 19.51
CA GLU A 389 -27.52 -25.61 18.53
C GLU A 389 -28.84 -24.97 18.10
N LYS A 390 -29.66 -24.59 19.09
CA LYS A 390 -30.94 -23.96 18.82
C LYS A 390 -30.76 -22.63 18.09
N ALA A 391 -29.75 -21.87 18.51
CA ALA A 391 -29.45 -20.57 17.90
C ALA A 391 -29.07 -20.74 16.44
N LEU A 392 -28.33 -21.81 16.15
CA LEU A 392 -27.90 -22.09 14.79
C LEU A 392 -29.04 -22.52 13.89
N MET A 393 -29.87 -23.44 14.37
CA MET A 393 -30.98 -23.93 13.55
C MET A 393 -32.35 -23.33 13.81
N GLU A 394 -32.55 -22.82 15.03
CA GLU A 394 -33.83 -22.25 15.38
C GLU A 394 -33.68 -20.90 16.06
N PRO A 395 -33.13 -19.90 15.36
CA PRO A 395 -32.98 -18.60 16.00
C PRO A 395 -34.31 -17.86 16.13
N ARG A 396 -34.47 -17.10 17.20
CA ARG A 396 -35.70 -16.35 17.41
C ARG A 396 -35.60 -14.95 16.81
N ILE A 397 -36.69 -14.50 16.20
CA ILE A 397 -36.73 -13.17 15.61
C ILE A 397 -38.10 -12.57 15.92
N LEU A 398 -38.25 -11.27 15.67
CA LEU A 398 -39.52 -10.61 15.89
C LEU A 398 -40.31 -10.60 14.58
N ALA A 399 -41.62 -10.81 14.68
CA ALA A 399 -42.51 -10.74 13.53
C ALA A 399 -43.75 -9.93 13.90
N GLY A 400 -43.71 -8.64 13.62
CA GLY A 400 -44.83 -7.76 13.92
C GLY A 400 -45.01 -7.70 15.43
N ARG A 401 -43.91 -7.53 16.14
CA ARG A 401 -43.94 -7.45 17.60
C ARG A 401 -44.27 -8.81 18.21
N ASP A 402 -43.83 -9.88 17.57
CA ASP A 402 -44.08 -11.23 18.05
C ASP A 402 -42.82 -12.08 17.96
N LEU A 403 -42.43 -12.68 19.08
CA LEU A 403 -41.25 -13.53 19.13
C LEU A 403 -41.56 -14.94 18.63
N VAL A 404 -41.15 -15.22 17.39
CA VAL A 404 -41.39 -16.53 16.79
C VAL A 404 -40.08 -17.21 16.42
N ALA A 405 -39.90 -18.44 16.89
CA ALA A 405 -38.68 -19.20 16.60
C ALA A 405 -38.64 -19.62 15.14
N GLN A 406 -37.45 -19.49 14.54
CA GLN A 406 -37.26 -19.85 13.13
C GLN A 406 -36.75 -21.27 13.06
N HIS A 407 -36.90 -21.90 11.90
CA HIS A 407 -36.35 -23.23 11.70
C HIS A 407 -35.75 -23.19 10.32
N LEU A 408 -34.49 -22.78 10.27
CA LEU A 408 -33.74 -22.64 9.03
C LEU A 408 -33.44 -23.98 8.37
N ASN A 409 -33.48 -24.00 7.04
CA ASN A 409 -33.17 -25.24 6.33
C ASN A 409 -31.64 -25.47 6.42
N VAL A 410 -31.16 -26.46 5.68
CA VAL A 410 -29.74 -26.79 5.68
C VAL A 410 -28.85 -25.65 5.21
N GLU A 411 -29.15 -25.12 4.04
CA GLU A 411 -28.37 -24.02 3.48
C GLU A 411 -28.27 -22.84 4.45
N LYS A 412 -29.41 -22.37 4.95
CA LYS A 412 -29.43 -21.23 5.86
C LYS A 412 -28.74 -21.43 7.19
N SER A 413 -28.86 -22.61 7.77
CA SER A 413 -28.20 -22.88 9.04
C SER A 413 -26.71 -22.81 8.77
N SER A 414 -26.31 -23.34 7.62
CA SER A 414 -24.90 -23.33 7.26
C SER A 414 -24.39 -21.89 7.19
N SER A 415 -25.16 -21.02 6.54
CA SER A 415 -24.77 -19.61 6.41
C SER A 415 -24.68 -18.92 7.77
N SER A 416 -25.66 -19.18 8.63
CA SER A 416 -25.66 -18.57 9.96
C SER A 416 -24.41 -19.00 10.70
N ARG A 417 -24.05 -20.28 10.56
CA ARG A 417 -22.85 -20.80 11.20
C ARG A 417 -21.62 -20.07 10.65
N ASP A 418 -21.60 -19.82 9.35
CA ASP A 418 -20.48 -19.11 8.74
C ASP A 418 -20.48 -17.69 9.25
N ALA A 419 -21.67 -17.11 9.35
CA ALA A 419 -21.85 -15.75 9.84
C ALA A 419 -21.23 -15.65 11.23
N LEU A 420 -21.49 -16.64 12.08
CA LEU A 420 -20.97 -16.63 13.44
C LEU A 420 -19.45 -16.66 13.38
N VAL A 421 -18.93 -17.56 12.55
CA VAL A 421 -17.48 -17.72 12.41
C VAL A 421 -16.79 -16.42 12.00
N LYS A 422 -17.31 -15.79 10.93
CA LYS A 422 -16.74 -14.54 10.45
C LYS A 422 -16.78 -13.42 11.51
N ALA A 423 -17.86 -13.37 12.28
CA ALA A 423 -18.01 -12.35 13.30
C ALA A 423 -16.98 -12.55 14.40
N LEU A 424 -16.76 -13.81 14.78
CA LEU A 424 -15.78 -14.13 15.81
C LEU A 424 -14.40 -13.70 15.35
N TYR A 425 -14.02 -14.12 14.14
CA TYR A 425 -12.72 -13.79 13.62
C TYR A 425 -12.49 -12.30 13.49
N GLY A 426 -13.43 -11.63 12.83
CA GLY A 426 -13.32 -10.20 12.63
C GLY A 426 -13.21 -9.44 13.95
N ARG A 427 -13.98 -9.86 14.94
CA ARG A 427 -13.94 -9.19 16.23
C ARG A 427 -12.61 -9.49 16.91
N LEU A 428 -12.16 -10.74 16.80
CA LEU A 428 -10.89 -11.14 17.40
C LEU A 428 -9.77 -10.31 16.81
N PHE A 429 -9.78 -10.15 15.49
CA PHE A 429 -8.77 -9.34 14.80
C PHE A 429 -8.81 -7.90 15.28
N LEU A 430 -10.01 -7.37 15.46
CA LEU A 430 -10.17 -5.99 15.93
C LEU A 430 -9.65 -5.85 17.36
N TRP A 431 -9.90 -6.87 18.18
CA TRP A 431 -9.44 -6.86 19.57
C TRP A 431 -7.92 -6.78 19.64
N LEU A 432 -7.25 -7.66 18.89
CA LEU A 432 -5.79 -7.68 18.86
C LEU A 432 -5.23 -6.29 18.53
N VAL A 433 -5.74 -5.67 17.49
CA VAL A 433 -5.28 -4.34 17.10
C VAL A 433 -5.47 -3.39 18.28
N LYS A 434 -6.63 -3.49 18.92
CA LYS A 434 -6.96 -2.65 20.06
C LYS A 434 -5.98 -2.90 21.22
N LYS A 435 -5.76 -4.17 21.51
CA LYS A 435 -4.86 -4.54 22.58
C LYS A 435 -3.48 -3.95 22.27
N ILE A 436 -3.01 -4.18 21.05
CA ILE A 436 -1.72 -3.67 20.61
C ILE A 436 -1.63 -2.16 20.65
N ASN A 437 -2.68 -1.45 20.26
CA ASN A 437 -2.64 0.01 20.28
C ASN A 437 -2.42 0.54 21.70
N ASN A 438 -3.17 0.00 22.66
CA ASN A 438 -3.06 0.42 24.06
C ASN A 438 -1.63 0.34 24.58
N VAL A 439 -0.90 -0.69 24.16
CA VAL A 439 0.48 -0.87 24.59
C VAL A 439 1.47 0.10 23.93
N LEU A 440 1.19 0.49 22.70
CA LEU A 440 2.06 1.41 21.97
C LEU A 440 1.59 2.85 22.14
N CYS A 441 0.31 3.03 22.42
CA CYS A 441 -0.26 4.36 22.60
C CYS A 441 -0.28 4.76 24.07
N GLN A 442 0.70 5.55 24.47
CA GLN A 442 0.81 6.00 25.86
C GLN A 442 1.61 7.29 25.96
N GLU A 443 1.35 8.22 25.04
CA GLU A 443 2.06 9.50 25.01
C GLU A 443 1.43 10.45 24.01
N ARG A 444 1.34 11.72 24.38
CA ARG A 444 0.77 12.74 23.52
C ARG A 444 1.82 13.34 22.60
N LYS A 445 2.08 12.68 21.47
CA LYS A 445 3.07 13.15 20.51
C LYS A 445 2.56 14.38 19.75
N ALA A 446 3.49 15.09 19.11
CA ALA A 446 3.14 16.27 18.34
C ALA A 446 3.14 15.98 16.85
N TYR A 447 4.24 15.41 16.36
CA TYR A 447 4.36 15.08 14.94
C TYR A 447 4.33 13.56 14.73
N PHE A 448 3.92 13.15 13.54
CA PHE A 448 3.85 11.73 13.20
C PHE A 448 4.08 11.49 11.72
N ILE A 449 4.53 10.29 11.38
CA ILE A 449 4.79 9.94 10.00
C ILE A 449 3.88 8.73 9.76
N GLY A 450 2.88 8.92 8.90
CA GLY A 450 1.96 7.83 8.64
C GLY A 450 2.38 6.92 7.50
N VAL A 451 2.40 5.61 7.76
CA VAL A 451 2.76 4.62 6.75
C VAL A 451 1.50 3.83 6.32
N LEU A 452 1.11 3.97 5.05
CA LEU A 452 -0.08 3.26 4.55
C LEU A 452 0.26 1.97 3.82
N ASP A 453 -0.27 0.85 4.32
CA ASP A 453 -0.04 -0.46 3.72
C ASP A 453 -1.39 -1.14 3.47
N ILE A 454 -1.98 -0.86 2.30
CA ILE A 454 -3.28 -1.38 1.91
C ILE A 454 -3.20 -2.66 1.08
N SER A 455 -4.32 -3.38 0.98
CA SER A 455 -4.39 -4.57 0.15
C SER A 455 -4.32 -4.02 -1.29
N GLY A 456 -3.36 -4.49 -2.07
CA GLY A 456 -3.20 -4.01 -3.42
C GLY A 456 -4.20 -4.46 -4.47
N PHE A 457 -4.23 -3.73 -5.58
CA PHE A 457 -5.13 -4.04 -6.67
C PHE A 457 -5.07 -5.51 -7.02
N GLU A 458 -6.23 -6.16 -7.10
CA GLU A 458 -6.25 -7.58 -7.44
C GLU A 458 -7.40 -8.04 -8.35
N ILE A 459 -7.09 -9.03 -9.18
CA ILE A 459 -8.07 -9.60 -10.09
C ILE A 459 -7.95 -11.12 -10.01
N PHE A 460 -9.10 -11.78 -9.85
CA PHE A 460 -9.18 -13.24 -9.77
C PHE A 460 -10.23 -13.68 -10.77
N LYS A 461 -10.37 -14.99 -10.99
CA LYS A 461 -11.36 -15.50 -11.94
C LYS A 461 -12.72 -15.00 -11.46
N VAL A 462 -12.93 -15.06 -10.15
CA VAL A 462 -14.19 -14.62 -9.53
C VAL A 462 -13.90 -13.44 -8.59
N ASN A 463 -14.44 -12.28 -8.90
CA ASN A 463 -14.24 -11.10 -8.07
C ASN A 463 -15.54 -10.75 -7.38
N SER A 464 -15.51 -10.57 -6.06
CA SER A 464 -16.72 -10.27 -5.33
C SER A 464 -16.68 -8.88 -4.68
N PHE A 465 -17.58 -8.64 -3.73
CA PHE A 465 -17.66 -7.36 -3.03
C PHE A 465 -16.30 -6.95 -2.46
N GLU A 466 -15.63 -7.91 -1.83
CA GLU A 466 -14.32 -7.64 -1.23
C GLU A 466 -13.36 -7.02 -2.25
N GLN A 467 -13.29 -7.60 -3.45
CA GLN A 467 -12.39 -7.07 -4.45
C GLN A 467 -12.77 -5.67 -4.91
N LEU A 468 -14.07 -5.38 -4.91
CA LEU A 468 -14.52 -4.05 -5.31
C LEU A 468 -14.00 -3.02 -4.29
N CYS A 469 -14.16 -3.32 -3.01
CA CYS A 469 -13.69 -2.40 -1.99
C CYS A 469 -12.18 -2.24 -2.09
N ILE A 470 -11.48 -3.35 -2.36
CA ILE A 470 -10.03 -3.27 -2.47
C ILE A 470 -9.63 -2.43 -3.68
N ASN A 471 -10.21 -2.70 -4.85
CA ASN A 471 -9.83 -1.95 -6.03
C ASN A 471 -10.27 -0.49 -6.01
N TYR A 472 -11.36 -0.21 -5.29
CA TYR A 472 -11.89 1.13 -5.15
C TYR A 472 -10.87 1.91 -4.33
N THR A 473 -10.33 1.26 -3.32
CA THR A 473 -9.33 1.88 -2.46
C THR A 473 -8.05 2.19 -3.26
N ASN A 474 -7.60 1.23 -4.06
CA ASN A 474 -6.38 1.45 -4.85
C ASN A 474 -6.65 2.56 -5.86
N GLU A 475 -7.89 2.68 -6.31
CA GLU A 475 -8.25 3.73 -7.26
C GLU A 475 -8.13 5.10 -6.56
N LYS A 476 -8.54 5.16 -5.30
CA LYS A 476 -8.45 6.41 -4.54
C LYS A 476 -6.98 6.80 -4.32
N LEU A 477 -6.19 5.82 -3.90
CA LEU A 477 -4.78 6.09 -3.66
C LEU A 477 -4.12 6.63 -4.95
N GLN A 478 -4.42 6.03 -6.09
CA GLN A 478 -3.86 6.49 -7.37
C GLN A 478 -4.26 7.94 -7.66
N GLN A 479 -5.50 8.28 -7.36
CA GLN A 479 -6.00 9.63 -7.57
C GLN A 479 -5.35 10.60 -6.58
N PHE A 480 -4.95 10.08 -5.41
CA PHE A 480 -4.27 10.89 -4.42
C PHE A 480 -2.91 11.31 -4.95
N PHE A 481 -2.30 10.40 -5.70
CA PHE A 481 -1.02 10.64 -6.37
C PHE A 481 -1.24 11.64 -7.52
N ASN A 482 -2.28 11.40 -8.31
CA ASN A 482 -2.58 12.28 -9.43
C ASN A 482 -2.81 13.70 -8.92
N HIS A 483 -3.53 13.81 -7.82
CA HIS A 483 -3.84 15.09 -7.23
C HIS A 483 -2.59 15.88 -6.83
N HIS A 484 -1.82 15.29 -5.93
CA HIS A 484 -0.61 15.90 -5.41
C HIS A 484 0.56 16.02 -6.38
N MET A 485 0.46 15.41 -7.54
CA MET A 485 1.55 15.45 -8.50
C MET A 485 1.25 16.34 -9.68
N PHE A 486 0.00 16.36 -10.10
CA PHE A 486 -0.36 17.15 -11.25
C PHE A 486 -1.33 18.30 -11.01
N LYS A 487 -2.39 18.04 -10.25
CA LYS A 487 -3.39 19.06 -10.02
C LYS A 487 -2.95 20.17 -9.05
N LEU A 488 -2.66 19.79 -7.81
CA LEU A 488 -2.24 20.76 -6.81
C LEU A 488 -0.99 21.50 -7.26
N GLU A 489 -0.08 20.78 -7.92
CA GLU A 489 1.14 21.38 -8.41
C GLU A 489 0.82 22.52 -9.38
N GLN A 490 -0.05 22.26 -10.34
CA GLN A 490 -0.39 23.28 -11.32
C GLN A 490 -1.30 24.40 -10.85
N GLU A 491 -2.04 24.20 -9.76
CA GLU A 491 -2.91 25.26 -9.25
C GLU A 491 -2.01 26.22 -8.48
N GLU A 492 -0.88 25.69 -8.03
CA GLU A 492 0.10 26.49 -7.32
C GLU A 492 0.62 27.47 -8.36
N TYR A 493 1.26 26.93 -9.39
CA TYR A 493 1.81 27.75 -10.46
C TYR A 493 0.76 28.78 -10.88
N LEU A 494 -0.48 28.33 -10.98
CA LEU A 494 -1.59 29.19 -11.39
C LEU A 494 -1.66 30.44 -10.55
N LYS A 495 -2.05 30.29 -9.29
CA LYS A 495 -2.16 31.42 -8.37
C LYS A 495 -0.82 32.13 -8.21
N GLU A 496 0.27 31.41 -8.46
CA GLU A 496 1.61 31.97 -8.34
C GLU A 496 1.95 32.83 -9.55
N LYS A 497 1.03 32.93 -10.50
CA LYS A 497 1.23 33.73 -11.69
C LYS A 497 2.69 33.63 -12.18
N ILE A 498 3.20 32.41 -12.24
CA ILE A 498 4.57 32.19 -12.69
C ILE A 498 4.63 32.03 -14.21
N ASN A 499 3.52 32.33 -14.88
CA ASN A 499 3.45 32.20 -16.33
C ASN A 499 3.39 30.83 -17.00
N TRP A 500 2.70 29.90 -16.35
CA TRP A 500 2.58 28.54 -16.86
C TRP A 500 1.36 28.11 -17.66
N THR A 501 1.61 27.57 -18.86
CA THR A 501 0.51 27.11 -19.69
C THR A 501 0.11 25.73 -19.17
N PHE A 502 -1.13 25.62 -18.71
CA PHE A 502 -1.63 24.38 -18.16
C PHE A 502 -1.33 23.16 -19.01
N ILE A 503 -1.09 22.04 -18.34
CA ILE A 503 -0.81 20.78 -19.00
C ILE A 503 -1.79 19.72 -18.52
N ASP A 504 -2.30 18.94 -19.47
CA ASP A 504 -3.23 17.88 -19.17
C ASP A 504 -2.49 16.57 -19.38
N PHE A 505 -2.11 15.92 -18.29
CA PHE A 505 -1.36 14.67 -18.36
C PHE A 505 -2.27 13.47 -18.63
N GLY A 506 -3.57 13.70 -18.68
CA GLY A 506 -4.50 12.63 -18.96
C GLY A 506 -4.63 11.58 -17.87
N LEU A 507 -4.23 11.93 -16.66
CA LEU A 507 -4.35 11.00 -15.55
C LEU A 507 -5.44 11.48 -14.61
N ASP A 508 -6.57 10.79 -14.65
CA ASP A 508 -7.70 11.14 -13.80
C ASP A 508 -8.69 9.98 -13.76
N SER A 509 -8.84 9.38 -12.59
CA SER A 509 -9.76 8.28 -12.43
C SER A 509 -10.89 8.66 -11.47
N GLN A 510 -11.43 9.85 -11.70
CA GLN A 510 -12.52 10.38 -10.89
C GLN A 510 -13.84 9.80 -11.39
N ALA A 511 -13.92 9.55 -12.68
CA ALA A 511 -15.12 8.97 -13.28
C ALA A 511 -15.37 7.61 -12.64
N THR A 512 -14.31 6.80 -12.55
CA THR A 512 -14.43 5.48 -11.95
C THR A 512 -14.73 5.58 -10.47
N ILE A 513 -14.11 6.53 -9.80
CA ILE A 513 -14.36 6.70 -8.37
C ILE A 513 -15.81 7.09 -8.13
N ASP A 514 -16.30 8.05 -8.92
CA ASP A 514 -17.68 8.52 -8.79
C ASP A 514 -18.65 7.35 -9.02
N LEU A 515 -18.44 6.61 -10.10
CA LEU A 515 -19.27 5.47 -10.45
C LEU A 515 -19.43 4.51 -9.29
N ILE A 516 -18.44 4.43 -8.43
CA ILE A 516 -18.50 3.54 -7.28
C ILE A 516 -19.07 4.16 -6.02
N ASP A 517 -18.54 5.31 -5.59
CA ASP A 517 -19.02 5.96 -4.35
C ASP A 517 -19.89 7.20 -4.51
N GLY A 518 -20.28 7.55 -5.72
CA GLY A 518 -21.09 8.74 -5.91
C GLY A 518 -22.42 8.68 -5.18
N ARG A 519 -22.92 9.84 -4.75
CA ARG A 519 -24.21 9.86 -4.07
C ARG A 519 -25.26 10.42 -5.05
N GLN A 520 -24.95 11.55 -5.65
CA GLN A 520 -25.89 12.19 -6.59
C GLN A 520 -25.57 12.71 -7.99
N PRO A 521 -25.55 11.81 -8.96
CA PRO A 521 -26.47 10.67 -8.83
C PRO A 521 -25.84 9.48 -8.13
N PRO A 522 -26.66 8.57 -7.63
CA PRO A 522 -26.15 7.38 -6.94
C PRO A 522 -25.19 6.44 -7.65
N GLY A 523 -24.06 6.13 -7.00
CA GLY A 523 -23.09 5.21 -7.59
C GLY A 523 -23.46 3.78 -7.20
N ILE A 524 -22.58 2.83 -7.51
CA ILE A 524 -22.83 1.43 -7.19
C ILE A 524 -23.09 1.19 -5.71
N LEU A 525 -22.20 1.69 -4.87
CA LEU A 525 -22.36 1.50 -3.44
C LEU A 525 -23.69 2.05 -2.95
N ALA A 526 -24.11 3.20 -3.48
CA ALA A 526 -25.36 3.80 -3.08
C ALA A 526 -26.50 2.87 -3.46
N LEU A 527 -26.56 2.49 -4.73
CA LEU A 527 -27.60 1.60 -5.19
C LEU A 527 -27.58 0.32 -4.36
N LEU A 528 -26.37 -0.16 -4.07
CA LEU A 528 -26.24 -1.37 -3.28
C LEU A 528 -26.93 -1.19 -1.93
N ASP A 529 -26.59 -0.12 -1.21
CA ASP A 529 -27.19 0.17 0.10
C ASP A 529 -28.71 0.25 0.04
N GLU A 530 -29.21 0.93 -0.99
CA GLU A 530 -30.64 1.10 -1.19
C GLU A 530 -31.27 -0.29 -1.26
N GLN A 531 -30.70 -1.17 -2.08
CA GLN A 531 -31.22 -2.53 -2.19
C GLN A 531 -31.08 -3.29 -0.87
N SER A 532 -29.97 -3.09 -0.16
CA SER A 532 -29.73 -3.79 1.10
C SER A 532 -30.82 -3.60 2.13
N VAL A 533 -31.47 -2.44 2.15
CA VAL A 533 -32.52 -2.21 3.13
C VAL A 533 -33.90 -2.37 2.52
N PHE A 534 -33.95 -2.88 1.30
CA PHE A 534 -35.22 -3.11 0.61
C PHE A 534 -35.48 -4.53 1.10
N PRO A 535 -36.72 -4.80 1.52
CA PRO A 535 -37.23 -6.08 2.05
C PRO A 535 -37.23 -7.12 0.92
N ASN A 536 -37.86 -6.81 -0.22
CA ASN A 536 -37.90 -7.76 -1.32
C ASN A 536 -36.76 -7.81 -2.34
N ALA A 537 -35.66 -7.15 -2.03
CA ALA A 537 -34.52 -7.13 -2.95
C ALA A 537 -33.73 -8.43 -2.96
N THR A 538 -33.14 -8.73 -4.12
CA THR A 538 -32.34 -9.94 -4.29
C THR A 538 -31.12 -9.62 -5.15
N ASP A 539 -30.16 -10.53 -5.18
CA ASP A 539 -28.97 -10.34 -5.99
C ASP A 539 -29.40 -10.00 -7.41
N ASN A 540 -30.53 -10.57 -7.84
CA ASN A 540 -31.05 -10.30 -9.17
C ASN A 540 -31.57 -8.88 -9.31
N THR A 541 -32.36 -8.41 -8.33
CA THR A 541 -32.89 -7.05 -8.42
C THR A 541 -31.75 -6.07 -8.33
N LEU A 542 -30.66 -6.47 -7.65
CA LEU A 542 -29.49 -5.61 -7.52
C LEU A 542 -28.75 -5.46 -8.86
N ILE A 543 -28.41 -6.57 -9.49
CA ILE A 543 -27.69 -6.51 -10.75
C ILE A 543 -28.52 -5.76 -11.79
N THR A 544 -29.81 -6.07 -11.84
CA THR A 544 -30.71 -5.40 -12.78
C THR A 544 -30.69 -3.88 -12.54
N LYS A 545 -30.89 -3.46 -11.31
CA LYS A 545 -30.88 -2.04 -10.99
C LYS A 545 -29.55 -1.38 -11.36
N LEU A 546 -28.44 -2.06 -11.13
CA LEU A 546 -27.14 -1.51 -11.47
C LEU A 546 -27.06 -1.31 -13.00
N HIS A 547 -27.49 -2.31 -13.76
CA HIS A 547 -27.46 -2.20 -15.22
C HIS A 547 -28.35 -1.06 -15.65
N SER A 548 -29.51 -0.96 -15.02
CA SER A 548 -30.47 0.06 -15.38
C SER A 548 -29.89 1.46 -15.30
N HIS A 549 -29.06 1.71 -14.28
CA HIS A 549 -28.46 3.01 -14.11
C HIS A 549 -27.21 3.31 -14.90
N PHE A 550 -26.42 2.27 -15.16
CA PHE A 550 -25.14 2.48 -15.83
C PHE A 550 -24.92 1.87 -17.20
N SER A 551 -25.62 0.81 -17.53
CA SER A 551 -25.44 0.19 -18.83
C SER A 551 -25.60 1.21 -19.95
N LYS A 552 -24.59 1.31 -20.80
CA LYS A 552 -24.60 2.24 -21.92
C LYS A 552 -24.77 3.69 -21.49
N LYS A 553 -24.60 3.96 -20.20
CA LYS A 553 -24.73 5.32 -19.71
C LYS A 553 -23.45 5.84 -19.05
N ASN A 554 -22.73 4.97 -18.37
CA ASN A 554 -21.48 5.38 -17.74
C ASN A 554 -20.36 4.76 -18.57
N ALA A 555 -19.36 5.56 -18.92
CA ALA A 555 -18.25 5.11 -19.74
C ALA A 555 -17.26 4.19 -19.03
N LYS A 556 -17.36 4.07 -17.72
CA LYS A 556 -16.45 3.22 -16.99
C LYS A 556 -17.14 1.95 -16.54
N TYR A 557 -18.39 1.79 -16.97
CA TYR A 557 -19.20 0.64 -16.60
C TYR A 557 -19.55 -0.19 -17.82
N GLU A 558 -19.75 -1.48 -17.63
CA GLU A 558 -20.13 -2.34 -18.73
C GLU A 558 -21.07 -3.47 -18.33
N GLU A 559 -22.16 -3.63 -19.06
CA GLU A 559 -23.07 -4.73 -18.81
C GLU A 559 -22.58 -5.78 -19.78
N PRO A 560 -21.98 -6.87 -19.26
CA PRO A 560 -21.49 -7.92 -20.15
C PRO A 560 -22.61 -8.62 -20.92
N ARG A 561 -22.28 -9.12 -22.11
CA ARG A 561 -23.26 -9.81 -22.96
C ARG A 561 -23.20 -11.31 -22.68
N PHE A 562 -22.13 -11.74 -22.03
CA PHE A 562 -21.88 -13.14 -21.74
C PHE A 562 -22.34 -13.62 -20.35
N SER A 563 -22.96 -12.74 -19.57
CA SER A 563 -23.39 -13.14 -18.24
C SER A 563 -24.49 -12.21 -17.77
N LYS A 564 -25.26 -12.66 -16.80
CA LYS A 564 -26.34 -11.83 -16.25
C LYS A 564 -26.14 -11.56 -14.77
N THR A 565 -25.00 -11.98 -14.24
CA THR A 565 -24.74 -11.80 -12.83
C THR A 565 -23.42 -11.05 -12.57
N GLU A 566 -22.87 -10.44 -13.61
CA GLU A 566 -21.63 -9.70 -13.48
C GLU A 566 -21.68 -8.34 -14.16
N PHE A 567 -20.90 -7.39 -13.64
CA PHE A 567 -20.81 -6.07 -14.24
C PHE A 567 -19.32 -5.73 -14.23
N GLY A 568 -18.86 -5.03 -15.26
CA GLY A 568 -17.47 -4.67 -15.33
C GLY A 568 -17.22 -3.22 -14.95
N VAL A 569 -16.17 -2.97 -14.20
CA VAL A 569 -15.81 -1.61 -13.82
C VAL A 569 -14.43 -1.39 -14.41
N THR A 570 -14.23 -0.29 -15.11
CA THR A 570 -12.93 -0.01 -15.70
C THR A 570 -12.12 0.83 -14.72
N HIS A 571 -11.11 0.21 -14.10
CA HIS A 571 -10.22 0.87 -13.13
C HIS A 571 -8.95 1.34 -13.82
N TYR A 572 -8.13 2.11 -13.11
CA TYR A 572 -6.89 2.60 -13.70
C TYR A 572 -6.01 1.42 -14.07
N ALA A 573 -6.02 0.37 -13.26
CA ALA A 573 -5.19 -0.82 -13.50
C ALA A 573 -5.83 -1.84 -14.44
N GLY A 574 -7.02 -1.54 -14.95
CA GLY A 574 -7.67 -2.47 -15.86
C GLY A 574 -9.12 -2.75 -15.53
N GLN A 575 -9.84 -3.33 -16.50
CA GLN A 575 -11.25 -3.65 -16.28
C GLN A 575 -11.39 -4.91 -15.43
N VAL A 576 -12.35 -4.89 -14.52
CA VAL A 576 -12.58 -6.02 -13.66
C VAL A 576 -14.05 -6.43 -13.70
N MET A 577 -14.30 -7.73 -13.88
CA MET A 577 -15.67 -8.22 -13.88
C MET A 577 -15.96 -8.71 -12.47
N TYR A 578 -17.09 -8.25 -11.94
CA TYR A 578 -17.52 -8.58 -10.59
C TYR A 578 -18.77 -9.45 -10.58
N GLU A 579 -18.73 -10.51 -9.78
CA GLU A 579 -19.86 -11.43 -9.65
C GLU A 579 -20.72 -10.87 -8.53
N ILE A 580 -22.00 -10.67 -8.80
CA ILE A 580 -22.94 -10.09 -7.83
C ILE A 580 -23.44 -11.02 -6.70
N GLN A 581 -23.22 -12.32 -6.86
CA GLN A 581 -23.68 -13.28 -5.88
C GLN A 581 -23.30 -12.91 -4.45
N ASP A 582 -24.29 -12.97 -3.55
CA ASP A 582 -24.11 -12.69 -2.13
C ASP A 582 -23.81 -11.24 -1.73
N TRP A 583 -23.81 -10.30 -2.67
CA TRP A 583 -23.51 -8.92 -2.29
C TRP A 583 -24.43 -8.31 -1.23
N LEU A 584 -25.73 -8.55 -1.31
CA LEU A 584 -26.64 -7.99 -0.32
C LEU A 584 -26.34 -8.47 1.09
N GLU A 585 -26.21 -9.79 1.24
CA GLU A 585 -25.93 -10.35 2.54
C GLU A 585 -24.56 -9.89 3.02
N LYS A 586 -23.59 -9.78 2.11
CA LYS A 586 -22.27 -9.32 2.49
C LYS A 586 -22.33 -7.86 2.93
N ASN A 587 -23.19 -7.08 2.31
CA ASN A 587 -23.32 -5.67 2.66
C ASN A 587 -24.04 -5.48 4.00
N LYS A 588 -25.05 -6.30 4.26
CA LYS A 588 -25.81 -6.21 5.50
C LYS A 588 -25.00 -6.84 6.63
N ASP A 589 -24.21 -7.85 6.31
CA ASP A 589 -23.37 -8.51 7.30
C ASP A 589 -24.16 -8.88 8.55
N PRO A 590 -25.24 -9.66 8.39
CA PRO A 590 -26.12 -10.10 9.48
C PRO A 590 -25.56 -11.21 10.38
N LEU A 591 -26.10 -11.25 11.61
CA LEU A 591 -25.73 -12.24 12.61
C LEU A 591 -26.93 -12.39 13.55
N GLN A 592 -27.50 -13.59 13.62
CA GLN A 592 -28.64 -13.82 14.49
C GLN A 592 -28.35 -13.36 15.92
N GLN A 593 -29.31 -12.68 16.52
CA GLN A 593 -29.17 -12.19 17.88
C GLN A 593 -28.90 -13.34 18.85
N ASP A 594 -29.69 -14.40 18.71
CA ASP A 594 -29.53 -15.58 19.56
C ASP A 594 -28.08 -16.03 19.63
N LEU A 595 -27.41 -15.98 18.49
CA LEU A 595 -26.00 -16.38 18.40
C LEU A 595 -25.14 -15.51 19.32
N GLU A 596 -25.44 -14.22 19.37
CA GLU A 596 -24.70 -13.29 20.21
C GLU A 596 -25.05 -13.53 21.67
N LEU A 597 -26.35 -13.68 21.94
CA LEU A 597 -26.80 -13.93 23.29
C LEU A 597 -26.04 -15.16 23.79
N CYS A 598 -26.03 -16.20 22.97
CA CYS A 598 -25.35 -17.44 23.33
C CYS A 598 -23.90 -17.20 23.73
N PHE A 599 -23.19 -16.35 22.99
CA PHE A 599 -21.78 -16.09 23.30
C PHE A 599 -21.52 -15.02 24.34
N LYS A 600 -22.50 -14.15 24.60
CA LYS A 600 -22.31 -13.13 25.61
C LYS A 600 -22.16 -13.79 26.96
N ASP A 601 -22.61 -15.04 27.05
CA ASP A 601 -22.54 -15.80 28.28
C ASP A 601 -21.40 -16.81 28.32
N SER A 602 -20.41 -16.63 27.45
CA SER A 602 -19.27 -17.53 27.43
C SER A 602 -18.49 -17.38 28.74
N SER A 603 -17.88 -18.47 29.19
CA SER A 603 -17.12 -18.44 30.44
C SER A 603 -15.70 -17.93 30.20
N ASP A 604 -15.38 -17.65 28.94
CA ASP A 604 -14.06 -17.17 28.56
C ASP A 604 -14.00 -15.65 28.47
N ASN A 605 -12.99 -15.06 29.12
CA ASN A 605 -12.81 -13.61 29.17
C ASN A 605 -12.64 -12.91 27.82
N VAL A 606 -11.87 -13.52 26.93
CA VAL A 606 -11.65 -12.93 25.62
C VAL A 606 -12.96 -13.00 24.83
N VAL A 607 -13.57 -14.18 24.82
CA VAL A 607 -14.83 -14.37 24.10
C VAL A 607 -15.93 -13.39 24.55
N THR A 608 -16.08 -13.21 25.86
CA THR A 608 -17.11 -12.30 26.37
C THR A 608 -16.84 -10.85 26.01
N LYS A 609 -15.57 -10.46 25.95
CA LYS A 609 -15.24 -9.09 25.60
C LYS A 609 -15.58 -8.79 24.13
N LEU A 610 -15.52 -9.83 23.30
CA LEU A 610 -15.83 -9.68 21.88
C LEU A 610 -17.33 -9.55 21.65
N PHE A 611 -18.12 -9.89 22.66
CA PHE A 611 -19.57 -9.80 22.54
C PHE A 611 -20.25 -8.86 23.52
N ASN A 612 -19.50 -8.29 24.45
CA ASN A 612 -20.05 -7.35 25.44
C ASN A 612 -19.44 -5.96 25.30
N ASP A 613 -18.28 -5.87 24.67
CA ASP A 613 -17.59 -4.59 24.48
C ASP A 613 -18.27 -3.79 23.37
N PRO A 614 -18.86 -2.64 23.72
CA PRO A 614 -19.56 -1.76 22.74
C PRO A 614 -18.72 -1.50 21.51
N ASN A 615 -17.50 -1.03 21.71
CA ASN A 615 -16.62 -0.72 20.55
C ASN A 615 -16.13 -1.91 19.75
N ILE A 616 -16.74 -3.07 19.94
CA ILE A 616 -16.37 -4.26 19.20
C ILE A 616 -17.58 -5.06 18.76
N ALA A 617 -18.52 -5.24 19.67
CA ALA A 617 -19.74 -6.00 19.39
C ALA A 617 -20.89 -5.14 18.88
N SER A 618 -20.75 -3.82 18.99
CA SER A 618 -21.80 -2.90 18.54
C SER A 618 -21.71 -2.51 17.06
N ARG A 619 -22.84 -2.09 16.52
CA ARG A 619 -22.90 -1.66 15.14
C ARG A 619 -23.58 -0.31 15.07
N ALA A 620 -22.96 0.64 14.39
CA ALA A 620 -23.54 1.96 14.25
C ALA A 620 -24.88 1.75 13.54
N LYS A 621 -25.94 2.32 14.09
CA LYS A 621 -27.26 2.16 13.49
C LYS A 621 -27.76 3.41 12.79
N LYS A 622 -28.22 3.24 11.55
CA LYS A 622 -28.77 4.35 10.77
C LYS A 622 -30.29 4.22 10.77
N GLY A 623 -30.93 4.93 11.69
CA GLY A 623 -32.38 4.87 11.77
C GLY A 623 -32.81 3.49 12.26
N ALA A 624 -33.74 2.88 11.53
CA ALA A 624 -34.24 1.56 11.89
C ALA A 624 -33.36 0.44 11.35
N ASN A 625 -32.33 0.82 10.60
CA ASN A 625 -31.41 -0.16 10.04
C ASN A 625 -29.97 0.07 10.48
N PHE A 626 -29.18 -0.99 10.49
CA PHE A 626 -27.78 -0.90 10.87
C PHE A 626 -27.04 -0.28 9.69
N ILE A 627 -25.89 0.33 9.98
CA ILE A 627 -25.09 0.94 8.93
C ILE A 627 -24.55 -0.23 8.10
N THR A 628 -24.57 -0.10 6.78
CA THR A 628 -24.07 -1.16 5.93
C THR A 628 -22.53 -1.12 5.88
N VAL A 629 -21.94 -2.20 5.36
CA VAL A 629 -20.49 -2.30 5.25
C VAL A 629 -19.98 -1.29 4.24
N ALA A 630 -20.70 -1.15 3.14
CA ALA A 630 -20.30 -0.18 2.10
C ALA A 630 -20.19 1.23 2.69
N ALA A 631 -21.21 1.63 3.44
CA ALA A 631 -21.26 2.95 4.06
C ALA A 631 -20.22 3.15 5.16
N GLN A 632 -19.99 2.10 5.94
CA GLN A 632 -19.02 2.17 7.02
C GLN A 632 -17.64 2.37 6.43
N TYR A 633 -17.31 1.54 5.45
CA TYR A 633 -16.02 1.62 4.76
C TYR A 633 -15.83 2.96 4.09
N LYS A 634 -16.79 3.37 3.27
CA LYS A 634 -16.69 4.65 2.58
C LYS A 634 -16.33 5.71 3.60
N GLU A 635 -16.98 5.63 4.75
CA GLU A 635 -16.77 6.56 5.87
C GLU A 635 -15.33 6.48 6.37
N GLN A 636 -14.89 5.26 6.66
CA GLN A 636 -13.52 5.04 7.14
C GLN A 636 -12.49 5.57 6.14
N LEU A 637 -12.63 5.18 4.90
CA LEU A 637 -11.69 5.61 3.87
C LEU A 637 -11.64 7.14 3.76
N ALA A 638 -12.79 7.78 3.65
CA ALA A 638 -12.83 9.24 3.53
C ALA A 638 -12.11 9.89 4.70
N SER A 639 -12.17 9.27 5.86
CA SER A 639 -11.51 9.79 7.03
C SER A 639 -9.99 9.71 6.81
N LEU A 640 -9.52 8.53 6.43
CA LEU A 640 -8.11 8.31 6.17
C LEU A 640 -7.61 9.32 5.15
N MET A 641 -8.32 9.45 4.04
CA MET A 641 -7.93 10.40 3.01
C MET A 641 -7.90 11.82 3.56
N ALA A 642 -8.73 12.08 4.56
CA ALA A 642 -8.77 13.39 5.17
C ALA A 642 -7.51 13.62 5.99
N THR A 643 -7.01 12.55 6.61
CA THR A 643 -5.81 12.61 7.42
C THR A 643 -4.57 12.83 6.57
N LEU A 644 -4.50 12.13 5.45
CA LEU A 644 -3.35 12.24 4.57
C LEU A 644 -3.25 13.63 3.96
N GLU A 645 -4.39 14.29 3.78
CA GLU A 645 -4.41 15.63 3.20
C GLU A 645 -3.74 16.63 4.15
N THR A 646 -3.66 16.26 5.42
CA THR A 646 -3.05 17.13 6.43
C THR A 646 -1.59 16.75 6.66
N THR A 647 -1.02 15.95 5.77
CA THR A 647 0.37 15.55 5.92
C THR A 647 1.11 15.90 4.65
N ASN A 648 2.43 15.71 4.67
CA ASN A 648 3.26 15.97 3.51
C ASN A 648 3.52 14.56 2.99
N PRO A 649 2.92 14.19 1.85
CA PRO A 649 3.05 12.88 1.21
C PRO A 649 4.36 12.54 0.50
N HIS A 650 4.85 11.34 0.76
CA HIS A 650 6.05 10.80 0.15
C HIS A 650 5.59 9.51 -0.53
N PHE A 651 5.80 9.41 -1.83
CA PHE A 651 5.35 8.25 -2.59
C PHE A 651 6.38 7.23 -2.97
N VAL A 652 5.97 5.97 -2.87
CA VAL A 652 6.80 4.84 -3.23
C VAL A 652 5.93 3.94 -4.12
N ARG A 653 6.33 3.78 -5.38
CA ARG A 653 5.58 2.93 -6.31
C ARG A 653 6.20 1.52 -6.42
N CYS A 654 5.54 0.52 -5.86
CA CYS A 654 6.05 -0.85 -5.95
C CYS A 654 5.58 -1.47 -7.26
N ILE A 655 6.49 -2.15 -7.95
CA ILE A 655 6.19 -2.76 -9.24
C ILE A 655 6.48 -4.26 -9.24
N ILE A 656 5.51 -5.06 -9.65
CA ILE A 656 5.72 -6.49 -9.70
C ILE A 656 6.37 -6.78 -11.07
N PRO A 657 7.41 -7.61 -11.07
CA PRO A 657 8.13 -7.93 -12.30
C PRO A 657 7.31 -8.82 -13.23
N ASN A 658 6.71 -9.86 -12.67
CA ASN A 658 5.91 -10.80 -13.43
C ASN A 658 4.76 -11.30 -12.58
N ASN A 659 4.06 -12.32 -13.09
CA ASN A 659 2.91 -12.88 -12.38
C ASN A 659 3.18 -14.28 -11.83
N LYS A 660 4.44 -14.68 -11.79
CA LYS A 660 4.80 -16.01 -11.32
C LYS A 660 5.57 -16.01 -10.00
N GLN A 661 5.75 -14.83 -9.41
CA GLN A 661 6.49 -14.71 -8.15
C GLN A 661 7.90 -15.25 -8.28
N LEU A 662 8.47 -15.10 -9.48
CA LEU A 662 9.81 -15.56 -9.77
C LEU A 662 10.86 -14.46 -9.83
N PRO A 663 12.07 -14.73 -9.33
CA PRO A 663 13.14 -13.73 -9.35
C PRO A 663 13.81 -13.74 -10.71
N ALA A 664 14.59 -12.70 -11.01
CA ALA A 664 15.30 -12.61 -12.26
C ALA A 664 14.46 -12.87 -13.51
N LYS A 665 13.20 -12.48 -13.46
CA LYS A 665 12.28 -12.65 -14.58
C LYS A 665 11.42 -11.41 -14.78
N LEU A 666 12.05 -10.34 -15.25
CA LEU A 666 11.37 -9.07 -15.45
C LEU A 666 10.62 -9.06 -16.79
N GLU A 667 9.31 -9.26 -16.74
CA GLU A 667 8.51 -9.27 -17.96
C GLU A 667 8.09 -7.86 -18.36
N ASP A 668 8.49 -7.45 -19.56
CA ASP A 668 8.18 -6.12 -20.05
C ASP A 668 6.69 -5.74 -20.10
N LYS A 669 5.85 -6.64 -20.60
CA LYS A 669 4.41 -6.38 -20.68
C LYS A 669 3.83 -6.10 -19.29
N VAL A 670 4.17 -6.95 -18.33
CA VAL A 670 3.71 -6.81 -16.95
C VAL A 670 4.19 -5.50 -16.30
N VAL A 671 5.44 -5.14 -16.53
CA VAL A 671 6.02 -3.94 -15.96
C VAL A 671 5.51 -2.65 -16.61
N LEU A 672 5.42 -2.62 -17.93
CA LEU A 672 4.95 -1.43 -18.62
C LEU A 672 3.51 -1.07 -18.27
N ASP A 673 2.62 -2.05 -18.16
CA ASP A 673 1.23 -1.76 -17.80
C ASP A 673 1.23 -0.98 -16.49
N GLN A 674 2.01 -1.44 -15.52
CA GLN A 674 2.09 -0.79 -14.22
C GLN A 674 2.70 0.61 -14.31
N LEU A 675 3.74 0.76 -15.12
CA LEU A 675 4.39 2.06 -15.27
C LEU A 675 3.42 3.06 -15.88
N ARG A 676 2.59 2.60 -16.80
CA ARG A 676 1.60 3.45 -17.45
C ARG A 676 0.47 3.82 -16.50
N CYS A 677 -0.22 2.82 -15.96
CA CYS A 677 -1.35 3.12 -15.09
C CYS A 677 -0.97 3.80 -13.77
N ASN A 678 0.30 3.73 -13.39
CA ASN A 678 0.73 4.39 -12.17
C ASN A 678 1.08 5.84 -12.47
N GLY A 679 1.25 6.15 -13.75
CA GLY A 679 1.60 7.51 -14.13
C GLY A 679 3.05 7.86 -13.80
N VAL A 680 3.93 6.86 -13.86
CA VAL A 680 5.34 7.07 -13.55
C VAL A 680 6.02 8.08 -14.47
N LEU A 681 5.84 7.93 -15.80
CA LEU A 681 6.45 8.87 -16.74
C LEU A 681 5.88 10.29 -16.65
N GLU A 682 4.56 10.41 -16.47
CA GLU A 682 3.94 11.72 -16.38
C GLU A 682 4.48 12.42 -15.15
N GLY A 683 4.79 11.64 -14.13
CA GLY A 683 5.32 12.18 -12.89
C GLY A 683 6.74 12.69 -13.09
N ILE A 684 7.46 12.07 -14.03
CA ILE A 684 8.81 12.49 -14.31
C ILE A 684 8.73 13.75 -15.17
N ARG A 685 7.80 13.74 -16.12
CA ARG A 685 7.64 14.89 -16.99
C ARG A 685 7.29 16.15 -16.19
N ILE A 686 6.31 16.03 -15.30
CA ILE A 686 5.89 17.18 -14.50
C ILE A 686 7.04 17.80 -13.71
N THR A 687 8.03 17.00 -13.35
CA THR A 687 9.15 17.52 -12.60
C THR A 687 10.14 18.24 -13.51
N ARG A 688 10.41 17.66 -14.67
CA ARG A 688 11.33 18.26 -15.64
C ARG A 688 10.78 19.54 -16.26
N LYS A 689 9.45 19.61 -16.40
CA LYS A 689 8.83 20.79 -16.99
C LYS A 689 8.40 21.81 -15.94
N GLY A 690 8.47 21.45 -14.67
CA GLY A 690 8.04 22.36 -13.64
C GLY A 690 9.08 22.86 -12.65
N PHE A 691 8.58 23.49 -11.59
CA PHE A 691 9.42 24.04 -10.55
C PHE A 691 8.97 23.50 -9.20
N PRO A 692 9.62 22.43 -8.72
CA PRO A 692 9.29 21.79 -7.44
C PRO A 692 9.45 22.69 -6.21
N ASN A 693 10.67 23.19 -6.02
CA ASN A 693 10.95 24.08 -4.89
C ASN A 693 10.32 25.46 -5.06
N ARG A 694 9.89 26.04 -3.95
CA ARG A 694 9.27 27.37 -3.99
C ARG A 694 9.29 28.02 -2.61
N ILE A 695 10.28 28.88 -2.38
CA ILE A 695 10.40 29.59 -1.12
C ILE A 695 9.66 30.92 -1.16
N ILE A 696 9.18 31.37 0.00
CA ILE A 696 8.44 32.62 0.09
C ILE A 696 9.41 33.80 -0.02
N TYR A 697 8.90 34.94 -0.48
CA TYR A 697 9.71 36.14 -0.64
C TYR A 697 10.27 36.65 0.68
N ALA A 698 9.47 36.60 1.73
CA ALA A 698 9.89 37.05 3.04
C ALA A 698 11.03 36.18 3.57
N ASP A 699 10.70 34.92 3.87
CA ASP A 699 11.67 33.97 4.40
C ASP A 699 12.75 33.60 3.38
N PHE A 700 12.80 34.33 2.26
CA PHE A 700 13.81 34.07 1.24
C PHE A 700 15.20 34.42 1.76
N VAL A 701 15.25 34.93 2.98
CA VAL A 701 16.51 35.31 3.61
C VAL A 701 17.06 34.16 4.46
N LYS A 702 16.90 32.94 3.96
CA LYS A 702 17.36 31.74 4.66
C LYS A 702 18.80 31.28 4.45
N ARG A 703 19.08 30.69 3.29
CA ARG A 703 20.42 30.20 2.98
C ARG A 703 21.09 31.28 2.14
N TYR A 704 20.36 32.36 1.87
CA TYR A 704 20.87 33.47 1.08
C TYR A 704 21.33 34.61 1.99
N TYR A 705 22.62 34.63 2.31
CA TYR A 705 23.20 35.67 3.16
C TYR A 705 24.07 36.36 2.14
N LEU A 706 25.07 37.09 2.62
CA LEU A 706 25.84 38.05 1.82
C LEU A 706 26.66 37.13 0.91
N LEU A 707 26.13 36.81 -0.26
CA LEU A 707 26.88 36.14 -1.33
C LEU A 707 26.67 37.02 -2.56
N ALA A 708 26.33 38.28 -2.30
CA ALA A 708 26.09 39.27 -3.34
C ALA A 708 26.35 40.67 -2.77
N PRO A 709 25.74 41.69 -3.39
CA PRO A 709 25.80 43.04 -2.84
C PRO A 709 25.39 42.84 -1.39
N ASN A 710 26.11 43.46 -0.46
CA ASN A 710 25.92 43.19 0.95
C ASN A 710 24.44 43.34 1.30
N VAL A 711 23.82 42.22 1.66
CA VAL A 711 22.41 42.22 2.05
C VAL A 711 22.22 41.05 3.02
N PRO A 712 22.27 41.34 4.31
CA PRO A 712 22.14 40.31 5.35
C PRO A 712 20.67 39.88 5.43
N ARG A 713 20.31 39.16 6.48
CA ARG A 713 18.95 38.70 6.66
C ARG A 713 17.97 39.80 6.33
N ASP A 714 18.35 41.05 6.61
CA ASP A 714 17.43 42.18 6.45
C ASP A 714 17.36 42.79 5.04
N ALA A 715 16.19 43.35 4.70
CA ALA A 715 15.97 44.10 3.47
C ALA A 715 14.59 44.61 3.90
N GLU A 716 14.15 45.70 3.28
CA GLU A 716 12.86 46.29 3.59
C GLU A 716 11.95 46.16 2.36
N ASP A 717 12.47 45.51 1.32
CA ASP A 717 11.72 45.29 0.09
C ASP A 717 12.04 43.88 -0.38
N SER A 718 11.05 43.01 -0.35
CA SER A 718 11.25 41.60 -0.63
C SER A 718 11.40 41.15 -2.08
N GLN A 719 10.55 41.67 -2.95
CA GLN A 719 10.59 41.32 -4.36
C GLN A 719 12.00 41.70 -4.78
N LYS A 720 12.51 42.81 -4.25
CA LYS A 720 13.85 43.27 -4.56
C LYS A 720 15.03 42.49 -3.98
N ALA A 721 15.00 42.29 -2.67
CA ALA A 721 16.06 41.56 -1.98
C ALA A 721 16.18 40.13 -2.53
N THR A 722 15.23 39.73 -3.36
CA THR A 722 15.24 38.39 -3.95
C THR A 722 16.09 38.05 -5.18
N ASP A 723 16.12 38.96 -6.15
CA ASP A 723 16.88 38.76 -7.38
C ASP A 723 18.29 39.27 -7.08
N ALA A 724 18.58 39.47 -5.81
CA ALA A 724 19.88 39.98 -5.38
C ALA A 724 21.17 39.20 -5.11
N VAL A 725 21.02 38.01 -4.53
CA VAL A 725 22.11 37.05 -4.33
C VAL A 725 22.19 36.13 -5.55
N LEU A 726 21.13 36.10 -6.36
CA LEU A 726 21.11 35.24 -7.54
C LEU A 726 21.96 35.77 -8.70
N LYS A 727 21.76 37.03 -9.06
CA LYS A 727 22.49 37.65 -10.16
C LYS A 727 24.01 37.71 -10.02
N HIS A 728 24.52 37.55 -8.80
CA HIS A 728 25.96 37.61 -8.59
C HIS A 728 26.68 36.61 -9.49
N LEU A 729 26.32 35.33 -9.35
CA LEU A 729 26.93 34.28 -10.16
C LEU A 729 26.23 34.23 -11.51
N ASN A 730 25.32 35.18 -11.73
CA ASN A 730 24.56 35.26 -12.96
C ASN A 730 23.90 33.92 -13.30
N ILE A 731 23.13 33.41 -12.34
CA ILE A 731 22.43 32.13 -12.53
C ILE A 731 21.51 32.43 -13.70
N ASP A 732 21.24 31.40 -14.50
CA ASP A 732 20.38 31.51 -15.68
C ASP A 732 19.06 32.09 -15.17
N PRO A 733 18.53 33.10 -15.89
CA PRO A 733 17.26 33.75 -15.52
C PRO A 733 15.95 33.00 -15.75
N GLU A 734 15.94 32.13 -16.75
CA GLU A 734 14.77 31.34 -17.10
C GLU A 734 15.06 29.94 -16.57
N GLN A 735 15.86 29.87 -15.50
CA GLN A 735 16.16 28.61 -14.85
C GLN A 735 15.43 28.62 -13.51
N TYR A 736 14.62 29.65 -13.34
CA TYR A 736 13.84 29.89 -12.14
C TYR A 736 12.74 30.85 -12.57
N ARG A 737 12.01 31.42 -11.63
CA ARG A 737 10.95 32.35 -12.00
C ARG A 737 10.35 33.03 -10.78
N PHE A 738 9.75 34.19 -11.00
CA PHE A 738 9.15 34.98 -9.92
C PHE A 738 7.63 34.90 -9.90
N GLY A 739 7.10 34.53 -8.74
CA GLY A 739 5.66 34.42 -8.57
C GLY A 739 5.13 35.44 -7.60
N ILE A 740 3.83 35.69 -7.64
CA ILE A 740 3.19 36.66 -6.76
C ILE A 740 3.73 36.74 -5.33
N THR A 741 4.04 35.59 -4.73
CA THR A 741 4.55 35.59 -3.36
C THR A 741 5.70 34.62 -3.12
N LYS A 742 6.15 33.94 -4.17
CA LYS A 742 7.25 32.99 -4.02
C LYS A 742 8.24 33.05 -5.17
N ILE A 743 9.33 32.30 -5.03
CA ILE A 743 10.37 32.22 -6.05
C ILE A 743 10.58 30.74 -6.38
N PHE A 744 10.31 30.37 -7.62
CA PHE A 744 10.44 28.99 -8.05
C PHE A 744 11.79 28.67 -8.66
N PHE A 745 12.19 27.39 -8.55
CA PHE A 745 13.46 26.92 -9.09
C PHE A 745 13.24 25.68 -9.94
N ARG A 746 13.68 25.77 -11.19
CA ARG A 746 13.55 24.67 -12.15
C ARG A 746 14.52 23.52 -11.95
N ALA A 747 13.98 22.30 -11.95
CA ALA A 747 14.77 21.09 -11.79
C ALA A 747 15.69 21.23 -10.57
N GLY A 748 15.18 21.87 -9.52
CA GLY A 748 15.96 22.04 -8.31
C GLY A 748 17.22 22.88 -8.21
N GLN A 749 17.14 24.13 -8.65
CA GLN A 749 18.29 25.03 -8.62
C GLN A 749 19.07 24.94 -7.31
N LEU A 750 18.35 24.77 -6.20
CA LEU A 750 18.97 24.71 -4.89
C LEU A 750 20.07 23.64 -4.86
N ALA A 751 19.94 22.65 -5.74
CA ALA A 751 20.91 21.57 -5.80
C ALA A 751 21.74 21.58 -7.09
N ARG A 752 21.08 21.79 -8.21
CA ARG A 752 21.76 21.80 -9.51
C ARG A 752 22.81 22.91 -9.60
N ILE A 753 22.37 24.16 -9.48
CA ILE A 753 23.27 25.30 -9.60
C ILE A 753 23.90 25.74 -8.28
N GLU A 754 23.08 25.92 -7.25
CA GLU A 754 23.58 26.35 -5.94
C GLU A 754 24.47 25.28 -5.30
N GLU A 755 25.76 25.31 -5.63
CA GLU A 755 26.71 24.36 -5.08
C GLU A 755 28.00 25.06 -4.65
N ALA A 756 28.09 26.35 -4.98
CA ALA A 756 29.23 27.17 -4.61
C ALA A 756 28.79 28.03 -3.43
N ARG A 757 27.66 28.70 -3.61
CA ARG A 757 27.08 29.54 -2.57
C ARG A 757 26.88 28.72 -1.31
N GLU A 758 26.40 27.49 -1.49
CA GLU A 758 26.14 26.58 -0.38
C GLU A 758 26.95 25.31 -0.62
N GLN A 759 26.77 24.31 0.24
CA GLN A 759 27.49 23.04 0.12
C GLN A 759 28.99 23.22 -0.07
N ARG A 760 29.49 24.41 0.29
CA ARG A 760 30.91 24.70 0.15
C ARG A 760 31.70 24.46 1.44
N LEU A 761 33.01 24.61 1.41
CA LEU A 761 33.88 24.33 2.55
C LEU A 761 34.72 25.58 2.75
N GLU A 762 34.28 26.59 2.01
CA GLU A 762 34.95 27.87 1.88
C GLU A 762 33.61 28.56 2.07
N SER A 763 33.62 29.88 1.97
CA SER A 763 32.57 30.72 2.48
C SER A 763 31.74 30.95 3.75
N ASN A 764 32.31 30.55 4.87
CA ASN A 764 31.67 30.68 6.17
C ASN A 764 32.73 31.41 6.99
N GLU A 765 33.88 30.77 7.15
CA GLU A 765 34.89 31.15 8.13
C GLU A 765 36.26 31.39 7.49
N PRO A 766 36.41 31.08 6.18
CA PRO A 766 37.71 31.23 5.46
C PRO A 766 37.72 32.56 4.66
N PRO A 767 36.53 33.13 4.36
CA PRO A 767 36.50 34.28 3.47
C PRO A 767 36.74 35.52 4.48
N MET A 768 36.68 35.26 5.80
CA MET A 768 36.80 36.31 6.79
C MET A 768 37.94 36.35 7.82
N ASP A 769 38.76 35.30 7.83
CA ASP A 769 39.92 35.23 8.75
C ASP A 769 41.38 35.53 8.35
N PHE A 770 41.61 36.09 7.17
CA PHE A 770 42.96 36.33 6.67
C PHE A 770 43.72 37.25 7.62
N ASP A 771 43.03 38.26 8.13
CA ASP A 771 43.62 39.22 9.07
C ASP A 771 42.86 39.20 10.39
N ASP A 772 42.85 38.05 11.04
CA ASP A 772 42.14 37.89 12.31
C ASP A 772 42.47 38.78 13.51
N ASP A 773 43.71 38.68 13.99
CA ASP A 773 44.14 39.47 15.13
C ASP A 773 45.46 40.19 14.85
N ILE A 774 46.07 39.86 13.71
CA ILE A 774 47.37 40.43 13.35
C ILE A 774 47.56 41.77 12.62
N PRO A 775 46.46 42.41 12.15
CA PRO A 775 46.61 43.69 11.44
C PRO A 775 47.37 44.81 12.17
N PHE A 776 48.31 45.44 11.48
CA PHE A 776 49.15 46.47 12.07
C PHE A 776 48.59 47.87 11.85
VG AD9 B . -0.89 -7.67 -1.14
O1G AD9 B . -1.16 -9.27 -1.83
O2G AD9 B . -1.51 -6.51 -2.05
O3G AD9 B . -1.53 -7.55 0.45
PB AD9 B . 2.21 -6.54 -1.20
O1B AD9 B . 2.29 -5.45 -2.31
O2B AD9 B . 2.55 -6.03 0.38
O3B AD9 B . 0.83 -7.24 -0.99
PA AD9 B . 4.59 -8.10 -0.30
O1A AD9 B . 5.34 -6.98 0.41
O2A AD9 B . 3.70 -9.13 0.71
O3A AD9 B . 3.40 -7.65 -1.37
O5' AD9 B . 5.47 -9.14 -1.20
C5' AD9 B . 5.18 -10.54 -1.53
C4' AD9 B . 6.48 -11.28 -1.51
O4' AD9 B . 7.42 -10.58 -2.39
C3' AD9 B . 7.21 -11.21 -0.16
O3' AD9 B . 6.66 -12.18 0.78
C2' AD9 B . 8.66 -11.52 -0.55
O2' AD9 B . 8.82 -12.93 -0.88
C1' AD9 B . 8.79 -10.72 -1.88
N9 AD9 B . 9.43 -9.38 -1.77
C8 AD9 B . 8.88 -8.12 -2.04
N7 AD9 B . 9.72 -7.12 -1.84
C5 AD9 B . 10.90 -7.73 -1.42
C6 AD9 B . 12.18 -7.22 -1.05
N6 AD9 B . 12.48 -5.90 -1.05
N1 AD9 B . 13.15 -8.11 -0.67
C2 AD9 B . 12.88 -9.45 -0.65
C4 AD9 B . 10.74 -9.14 -1.36
N3 AD9 B . 11.70 -10.03 -0.99
MG MG C . 0.45 -6.65 1.53
CL18 IA2 D . -17.28 -3.01 16.37
C10 IA2 D . -17.50 -4.38 15.35
C9 IA2 D . -16.55 -5.14 14.64
CL17 IA2 D . -14.82 -4.86 14.61
C8 IA2 D . -17.23 -6.18 13.94
CL16 IA2 D . -16.40 -7.34 12.94
C7 IA2 D . -18.65 -6.05 14.23
C4 IA2 D . -19.94 -6.79 13.84
C5 IA2 D . -21.19 -6.17 14.34
C6 IA2 D . -22.49 -6.74 14.04
CL13 IA2 D . -23.93 -6.00 14.64
C3 IA2 D . -20.06 -8.04 13.02
C2 IA2 D . -21.40 -8.57 12.75
N1 IA2 D . -18.71 -4.96 15.08
CL14 IA2 D . -21.61 -10.00 11.80
C1 IA2 D . -22.59 -7.94 13.26
O12 IA2 D . -18.97 -8.69 12.52
#